data_3UHA
#
_entry.id   3UHA
#
_cell.length_a   64.010
_cell.length_b   104.450
_cell.length_c   69.080
_cell.angle_alpha   90.00
_cell.angle_beta   116.60
_cell.angle_gamma   90.00
#
_symmetry.space_group_name_H-M   'P 1 21 1'
#
loop_
_entity.id
_entity.type
_entity.pdbx_description
1 polymer 'Saccharopine dehydrogenase [NAD+, L-lysine-forming]'
2 non-polymer NICOTINAMIDE-ADENINE-DINUCLEOTIDE
3 non-polymer 'CHLORIDE ION'
4 water water
#
_entity_poly.entity_id   1
_entity_poly.type   'polypeptide(L)'
_entity_poly.pdbx_seq_one_letter_code
;MAAVTLHLRAETKPLEARAALTPTTVKKLIAKGFKIYVEDSPQSTFNINEYRQAGAIIVPAGSWKTAPRDRIIIGLKEMP
ETDTFPLVHEHIQFAHCYKDQAGWQNVLMRFIKGHGTLYDLEFLENDQGRRVAAFGFYAGFAGAALGVRDWAFKQTHSDD
EDLPAVSPYPNEKALVKDVTKDYKEALATGARKPTVLIIGALGRSGSGAIDLLHKVGIPDANILKWDIKETSRGGPFDEI
PQADIFINCIYLSKPIAPFTNMEKLNNPNRRLRTVVDVSADTTNPHNPIPIYTVATVFNKPTVLVPTTAGPKLSVISIDH
LPSLLPREASEFFSHDLLPSLELLPQRKTAPVWVRAKKLFDRHCARVKRSSRL
;
_entity_poly.pdbx_strand_id   A,B
#
# COMPACT_ATOMS: atom_id res chain seq x y z
N ALA A 3 -27.59 8.08 0.78
CA ALA A 3 -27.87 8.65 -0.57
C ALA A 3 -27.10 9.97 -0.82
N VAL A 4 -25.80 9.95 -0.49
CA VAL A 4 -24.96 11.13 -0.72
C VAL A 4 -24.92 11.48 -2.21
N THR A 5 -24.94 12.76 -2.51
CA THR A 5 -24.80 13.21 -3.89
C THR A 5 -23.48 13.93 -4.08
N LEU A 6 -22.77 13.57 -5.14
CA LEU A 6 -21.50 14.21 -5.50
C LEU A 6 -21.55 14.77 -6.93
N HIS A 7 -20.94 15.93 -7.09
CA HIS A 7 -20.96 16.71 -8.31
C HIS A 7 -19.52 17.12 -8.57
N LEU A 8 -18.93 16.47 -9.57
CA LEU A 8 -17.53 16.70 -9.96
C LEU A 8 -17.30 18.05 -10.73
N ARG A 9 -16.68 19.01 -10.07
CA ARG A 9 -16.50 20.30 -10.71
C ARG A 9 -15.39 20.23 -11.80
N ALA A 10 -15.66 20.78 -12.98
CA ALA A 10 -14.61 20.88 -14.04
C ALA A 10 -13.54 21.80 -13.54
N GLU A 11 -12.28 21.47 -13.83
CA GLU A 11 -11.16 22.33 -13.41
C GLU A 11 -11.02 23.60 -14.27
N THR A 12 -10.64 24.71 -13.66
CA THR A 12 -10.54 25.95 -14.44
C THR A 12 -9.13 26.54 -14.38
N LYS A 13 -8.32 26.10 -13.42
CA LYS A 13 -6.89 26.44 -13.45
C LYS A 13 -6.35 26.02 -14.82
N PRO A 14 -5.62 26.91 -15.51
CA PRO A 14 -5.34 26.40 -16.86
C PRO A 14 -4.22 25.35 -16.83
N LEU A 15 -4.22 24.50 -17.85
CA LEU A 15 -3.29 23.35 -18.02
C LEU A 15 -3.70 22.07 -17.26
N GLU A 16 -4.51 22.26 -16.21
CA GLU A 16 -4.85 21.22 -15.24
C GLU A 16 -5.77 20.11 -15.75
N ALA A 17 -5.23 18.91 -15.87
CA ALA A 17 -5.87 17.85 -16.63
C ALA A 17 -6.29 16.64 -15.78
N ARG A 18 -5.91 16.71 -14.52
CA ARG A 18 -6.17 15.67 -13.57
C ARG A 18 -7.59 15.86 -13.08
N ALA A 19 -8.19 14.79 -12.56
CA ALA A 19 -9.57 14.80 -12.07
C ALA A 19 -9.58 14.13 -10.73
N ALA A 20 -10.41 14.65 -9.81
CA ALA A 20 -10.49 14.10 -8.45
C ALA A 20 -11.30 12.78 -8.31
N LEU A 21 -12.15 12.53 -9.29
CA LEU A 21 -12.88 11.27 -9.40
C LEU A 21 -12.63 10.85 -10.81
N THR A 22 -12.44 9.55 -11.06
CA THR A 22 -12.16 9.08 -12.42
C THR A 22 -13.32 8.18 -12.80
N PRO A 23 -13.42 7.80 -14.08
CA PRO A 23 -14.57 6.97 -14.34
C PRO A 23 -14.65 5.74 -13.46
N THR A 24 -13.49 5.16 -13.11
CA THR A 24 -13.50 3.93 -12.34
C THR A 24 -14.07 4.13 -10.96
N THR A 25 -13.68 5.21 -10.28
CA THR A 25 -14.22 5.44 -8.94
C THR A 25 -15.68 5.93 -8.93
N VAL A 26 -16.06 6.72 -9.95
CA VAL A 26 -17.48 7.05 -10.15
C VAL A 26 -18.34 5.76 -10.14
N LYS A 27 -17.88 4.73 -10.84
CA LYS A 27 -18.63 3.47 -10.97
C LYS A 27 -18.67 2.71 -9.65
N LYS A 28 -17.54 2.64 -8.95
CA LYS A 28 -17.53 2.10 -7.60
C LYS A 28 -18.49 2.87 -6.69
N LEU A 29 -18.42 4.21 -6.72
CA LEU A 29 -19.32 5.03 -5.95
C LEU A 29 -20.79 4.82 -6.27
N ILE A 30 -21.14 4.71 -7.53
CA ILE A 30 -22.51 4.34 -7.87
C ILE A 30 -22.91 2.94 -7.29
N ALA A 31 -22.03 1.96 -7.40
CA ALA A 31 -22.32 0.65 -6.77
C ALA A 31 -22.74 0.79 -5.27
N LYS A 32 -22.18 1.78 -4.57
CA LYS A 32 -22.44 2.00 -3.13
C LYS A 32 -23.68 2.82 -2.87
N GLY A 33 -24.40 3.17 -3.94
CA GLY A 33 -25.62 3.98 -3.90
C GLY A 33 -25.41 5.49 -3.93
N PHE A 34 -24.20 5.96 -4.22
CA PHE A 34 -24.05 7.42 -4.43
C PHE A 34 -24.72 7.88 -5.71
N LYS A 35 -25.21 9.11 -5.73
CA LYS A 35 -25.61 9.72 -6.98
C LYS A 35 -24.51 10.69 -7.43
N ILE A 36 -24.11 10.61 -8.70
CA ILE A 36 -22.93 11.36 -9.15
C ILE A 36 -23.21 12.21 -10.38
N TYR A 37 -23.10 13.52 -10.25
CA TYR A 37 -23.07 14.42 -11.40
C TYR A 37 -21.60 14.73 -11.80
N VAL A 38 -21.29 14.66 -13.10
CA VAL A 38 -19.97 15.02 -13.62
C VAL A 38 -20.05 16.13 -14.62
N GLU A 39 -19.29 17.20 -14.40
CA GLU A 39 -19.26 18.29 -15.38
C GLU A 39 -18.45 17.91 -16.62
N ASP A 40 -19.02 18.22 -17.78
CA ASP A 40 -18.32 18.20 -19.06
C ASP A 40 -17.13 19.15 -18.99
N SER A 41 -15.91 18.64 -19.11
CA SER A 41 -14.71 19.47 -19.04
C SER A 41 -13.73 19.07 -20.13
N PRO A 42 -13.48 19.97 -21.09
CA PRO A 42 -12.68 19.57 -22.23
C PRO A 42 -11.15 19.53 -21.90
N GLN A 43 -10.76 20.15 -20.79
CA GLN A 43 -9.36 20.05 -20.40
C GLN A 43 -9.02 18.76 -19.65
N SER A 44 -10.04 18.10 -19.09
CA SER A 44 -9.84 16.83 -18.40
C SER A 44 -9.27 15.79 -19.35
N THR A 45 -8.34 14.98 -18.86
CA THR A 45 -7.71 13.91 -19.62
C THR A 45 -8.65 12.71 -19.78
N PHE A 46 -9.76 12.72 -19.04
CA PHE A 46 -10.78 11.69 -19.20
C PHE A 46 -11.87 12.22 -20.13
N ASN A 47 -12.24 11.44 -21.12
CA ASN A 47 -13.38 11.73 -21.98
C ASN A 47 -14.68 11.63 -21.25
N ILE A 48 -15.55 12.59 -21.48
CA ILE A 48 -16.86 12.61 -20.88
C ILE A 48 -17.62 11.32 -21.13
N ASN A 49 -17.42 10.72 -22.27
CA ASN A 49 -18.07 9.44 -22.54
C ASN A 49 -17.73 8.39 -21.47
N GLU A 50 -16.47 8.39 -20.96
CA GLU A 50 -16.05 7.37 -19.95
C GLU A 50 -16.84 7.52 -18.63
N TYR A 51 -17.17 8.74 -18.28
CA TYR A 51 -17.97 8.96 -17.12
C TYR A 51 -19.37 8.50 -17.40
N ARG A 52 -19.85 8.70 -18.62
CA ARG A 52 -21.22 8.31 -18.98
C ARG A 52 -21.42 6.81 -18.97
N GLN A 53 -20.46 6.04 -19.46
CA GLN A 53 -20.53 4.58 -19.39
C GLN A 53 -20.53 4.13 -17.92
N ALA A 54 -19.94 4.96 -17.07
CA ALA A 54 -19.72 4.56 -15.68
C ALA A 54 -20.96 4.87 -14.84
N GLY A 55 -22.01 5.44 -15.45
CA GLY A 55 -23.23 5.84 -14.71
C GLY A 55 -23.31 7.30 -14.24
N ALA A 56 -22.35 8.14 -14.65
CA ALA A 56 -22.42 9.52 -14.22
C ALA A 56 -23.54 10.24 -14.92
N ILE A 57 -24.08 11.23 -14.21
CA ILE A 57 -25.03 12.15 -14.83
C ILE A 57 -24.19 13.31 -15.34
N ILE A 58 -24.24 13.48 -16.66
CA ILE A 58 -23.45 14.52 -17.30
C ILE A 58 -24.15 15.83 -17.22
N VAL A 59 -23.42 16.84 -16.76
CA VAL A 59 -23.94 18.17 -16.57
C VAL A 59 -22.96 19.16 -17.16
N PRO A 60 -23.42 20.36 -17.52
CA PRO A 60 -22.46 21.33 -18.13
C PRO A 60 -21.35 21.85 -17.19
N ALA A 61 -20.15 22.11 -17.73
CA ALA A 61 -19.13 22.91 -16.99
C ALA A 61 -19.78 24.08 -16.27
N GLY A 62 -19.37 24.28 -15.00
CA GLY A 62 -19.77 25.46 -14.22
C GLY A 62 -21.12 25.31 -13.54
N SER A 63 -21.88 24.27 -13.89
CA SER A 63 -23.26 24.15 -13.36
C SER A 63 -23.24 23.91 -11.84
N TRP A 64 -22.10 23.54 -11.27
CA TRP A 64 -22.04 23.55 -9.80
C TRP A 64 -22.57 24.82 -9.15
N LYS A 65 -22.27 25.97 -9.76
CA LYS A 65 -22.61 27.30 -9.19
C LYS A 65 -24.09 27.46 -8.83
N THR A 66 -24.96 26.82 -9.63
CA THR A 66 -26.39 26.98 -9.48
C THR A 66 -26.98 25.65 -9.02
N ALA A 67 -26.11 24.73 -8.61
CA ALA A 67 -26.61 23.43 -8.20
C ALA A 67 -27.30 23.46 -6.83
N PRO A 68 -28.33 22.62 -6.64
CA PRO A 68 -28.94 22.53 -5.32
C PRO A 68 -27.90 22.32 -4.20
N ARG A 69 -28.18 22.90 -3.03
CA ARG A 69 -27.24 22.81 -1.91
C ARG A 69 -27.20 21.49 -1.19
N ASP A 70 -27.91 20.47 -1.66
CA ASP A 70 -27.64 19.12 -1.15
C ASP A 70 -26.39 18.47 -1.81
N ARG A 71 -26.00 18.89 -3.02
CA ARG A 71 -24.85 18.26 -3.73
C ARG A 71 -23.50 18.58 -3.05
N ILE A 72 -22.66 17.58 -2.87
CA ILE A 72 -21.27 17.84 -2.47
C ILE A 72 -20.44 18.13 -3.74
N ILE A 73 -19.81 19.29 -3.78
CA ILE A 73 -18.99 19.70 -4.90
C ILE A 73 -17.56 19.24 -4.71
N ILE A 74 -17.15 18.34 -5.57
CA ILE A 74 -15.82 17.87 -5.48
C ILE A 74 -15.07 18.35 -6.71
N GLY A 75 -13.90 18.92 -6.44
CA GLY A 75 -13.01 19.38 -7.47
C GLY A 75 -11.59 19.20 -6.95
N LEU A 76 -10.62 19.43 -7.80
CA LEU A 76 -9.25 19.24 -7.32
C LEU A 76 -8.58 20.55 -6.96
N LYS A 77 -8.41 21.45 -7.91
CA LYS A 77 -7.71 22.70 -7.61
C LYS A 77 -8.64 23.84 -7.19
N GLU A 78 -8.04 24.84 -6.56
CA GLU A 78 -8.69 26.07 -6.09
C GLU A 78 -9.54 26.74 -7.16
N MET A 79 -10.36 27.68 -6.75
CA MET A 79 -11.31 28.28 -7.69
C MET A 79 -10.80 29.62 -8.20
N PRO A 80 -11.29 30.04 -9.37
CA PRO A 80 -11.05 31.33 -9.97
C PRO A 80 -10.99 32.45 -8.93
N GLU A 81 -10.08 33.41 -9.12
CA GLU A 81 -9.99 34.63 -8.30
C GLU A 81 -11.18 35.55 -8.60
N THR A 82 -11.48 35.71 -9.90
CA THR A 82 -12.69 36.39 -10.39
C THR A 82 -13.98 36.12 -9.58
N ASP A 83 -14.13 34.89 -9.09
CA ASP A 83 -15.31 34.51 -8.32
C ASP A 83 -15.29 35.13 -6.92
N THR A 84 -16.35 35.87 -6.57
CA THR A 84 -16.43 36.53 -5.27
C THR A 84 -17.76 36.18 -4.55
N PHE A 85 -18.68 35.54 -5.28
CA PHE A 85 -19.98 35.07 -4.72
C PHE A 85 -19.89 34.08 -3.55
N PRO A 86 -20.92 34.10 -2.68
CA PRO A 86 -20.95 33.23 -1.50
C PRO A 86 -21.07 31.72 -1.82
N LEU A 87 -20.31 30.92 -1.09
CA LEU A 87 -20.21 29.51 -1.35
C LEU A 87 -21.10 28.79 -0.36
N VAL A 88 -22.10 28.07 -0.86
CA VAL A 88 -23.16 27.61 -0.04
C VAL A 88 -23.11 26.10 0.20
N HIS A 89 -22.42 25.38 -0.69
CA HIS A 89 -22.36 23.92 -0.62
C HIS A 89 -21.23 23.51 0.29
N GLU A 90 -21.25 22.26 0.76
CA GLU A 90 -20.00 21.62 1.22
C GLU A 90 -19.15 21.33 -0.05
N HIS A 91 -17.88 21.69 0.04
CA HIS A 91 -16.89 21.46 -1.00
C HIS A 91 -15.76 20.55 -0.56
N ILE A 92 -15.37 19.66 -1.45
CA ILE A 92 -14.16 18.93 -1.28
C ILE A 92 -13.22 19.38 -2.38
N GLN A 93 -11.98 19.73 -2.00
CA GLN A 93 -11.02 20.35 -2.92
C GLN A 93 -9.72 20.72 -2.18
N PHE A 94 -8.64 21.00 -2.91
CA PHE A 94 -7.50 21.71 -2.34
C PHE A 94 -7.76 23.20 -2.42
N ALA A 95 -7.97 23.83 -1.27
CA ALA A 95 -8.27 25.26 -1.23
C ALA A 95 -7.02 26.10 -1.09
N HIS A 96 -5.92 25.49 -0.66
CA HIS A 96 -4.66 26.20 -0.57
C HIS A 96 -4.84 27.51 0.24
N CYS A 97 -5.58 27.47 1.34
CA CYS A 97 -5.76 28.66 2.19
C CYS A 97 -5.52 28.49 3.71
N TYR A 98 -4.92 27.37 4.08
CA TYR A 98 -4.65 27.06 5.49
C TYR A 98 -3.24 27.42 5.96
N LYS A 99 -2.40 27.92 5.06
CA LYS A 99 -1.01 28.17 5.37
C LYS A 99 -0.59 29.58 4.98
N ASP A 100 -1.52 30.52 5.15
CA ASP A 100 -1.29 31.95 4.91
C ASP A 100 -0.97 32.41 3.47
N GLN A 101 -1.36 31.62 2.46
CA GLN A 101 -1.22 32.08 1.06
C GLN A 101 -2.17 33.26 0.83
N ALA A 102 -1.63 34.40 0.40
CA ALA A 102 -2.38 35.67 0.35
C ALA A 102 -3.75 35.56 -0.33
N GLY A 103 -4.77 36.15 0.31
CA GLY A 103 -6.17 36.03 -0.14
C GLY A 103 -6.88 34.82 0.46
N TRP A 104 -6.16 34.07 1.31
CA TRP A 104 -6.73 32.95 2.03
C TRP A 104 -7.92 33.38 2.88
N GLN A 105 -7.90 34.63 3.33
CA GLN A 105 -9.02 35.19 4.06
C GLN A 105 -10.23 35.45 3.15
N ASN A 106 -10.01 36.07 1.98
CA ASN A 106 -11.07 36.19 0.96
C ASN A 106 -11.75 34.87 0.72
N VAL A 107 -10.94 33.84 0.56
CA VAL A 107 -11.37 32.47 0.27
C VAL A 107 -12.38 32.02 1.33
N LEU A 108 -11.95 32.06 2.58
CA LEU A 108 -12.74 31.59 3.70
C LEU A 108 -13.94 32.48 3.90
N MET A 109 -13.78 33.76 3.58
CA MET A 109 -14.90 34.70 3.63
C MET A 109 -16.10 34.25 2.79
N ARG A 110 -15.83 33.85 1.56
CA ARG A 110 -16.88 33.35 0.68
C ARG A 110 -17.69 32.18 1.28
N PHE A 111 -17.00 31.28 2.00
CA PHE A 111 -17.66 30.16 2.71
C PHE A 111 -18.45 30.61 3.91
N ILE A 112 -17.80 31.34 4.83
CA ILE A 112 -18.49 32.03 5.95
C ILE A 112 -19.82 32.70 5.51
N LYS A 113 -19.76 33.60 4.52
CA LYS A 113 -20.97 34.25 3.99
C LYS A 113 -21.99 33.27 3.36
N GLY A 114 -21.56 32.07 3.00
CA GLY A 114 -22.46 31.17 2.28
C GLY A 114 -23.11 30.14 3.18
N HIS A 115 -22.53 30.00 4.38
CA HIS A 115 -22.87 28.92 5.30
C HIS A 115 -22.48 27.62 4.62
N GLY A 116 -21.25 27.59 4.11
CA GLY A 116 -20.77 26.50 3.28
C GLY A 116 -19.58 25.87 3.96
N THR A 117 -19.24 24.66 3.56
CA THR A 117 -18.17 23.93 4.25
C THR A 117 -17.05 23.57 3.30
N LEU A 118 -15.83 23.67 3.80
CA LEU A 118 -14.66 23.20 3.06
C LEU A 118 -13.99 22.03 3.78
N TYR A 119 -14.02 20.88 3.12
CA TYR A 119 -13.23 19.73 3.47
C TYR A 119 -12.02 19.76 2.54
N ASP A 120 -10.84 19.97 3.09
CA ASP A 120 -9.67 20.25 2.30
C ASP A 120 -8.86 19.00 2.10
N LEU A 121 -8.95 18.46 0.89
CA LEU A 121 -8.15 17.32 0.46
C LEU A 121 -6.77 17.28 1.06
N GLU A 122 -6.14 18.45 1.20
CA GLU A 122 -4.80 18.52 1.77
C GLU A 122 -4.72 18.17 3.26
N PHE A 123 -5.85 18.01 3.92
CA PHE A 123 -5.79 17.76 5.35
C PHE A 123 -6.67 16.59 5.73
N LEU A 124 -7.01 15.77 4.75
CA LEU A 124 -7.57 14.47 5.02
C LEU A 124 -6.45 13.59 5.46
N GLU A 125 -6.51 13.19 6.73
CA GLU A 125 -5.47 12.39 7.38
C GLU A 125 -6.14 11.25 8.08
N ASN A 126 -5.38 10.16 8.24
CA ASN A 126 -5.71 9.07 9.15
C ASN A 126 -5.40 9.54 10.56
N ASP A 127 -5.55 8.69 11.55
CA ASP A 127 -5.49 9.21 12.92
C ASP A 127 -4.10 9.53 13.40
N GLN A 128 -3.10 9.02 12.71
CA GLN A 128 -1.73 9.22 13.06
C GLN A 128 -1.05 10.38 12.27
N GLY A 129 -1.81 11.20 11.53
CA GLY A 129 -1.27 12.34 10.80
C GLY A 129 -0.77 12.10 9.36
N ARG A 130 -1.02 10.93 8.78
CA ARG A 130 -0.63 10.69 7.40
C ARG A 130 -1.77 11.01 6.46
N ARG A 131 -1.48 11.81 5.44
CA ARG A 131 -2.46 12.14 4.41
C ARG A 131 -3.05 10.90 3.75
N VAL A 132 -4.36 10.88 3.52
CA VAL A 132 -4.97 9.67 2.96
C VAL A 132 -4.73 9.64 1.49
N ALA A 133 -4.72 10.81 0.88
CA ALA A 133 -4.55 10.91 -0.57
C ALA A 133 -3.57 11.99 -1.07
N ALA A 134 -2.45 11.55 -1.64
CA ALA A 134 -1.45 12.46 -2.20
C ALA A 134 -1.06 12.02 -3.63
N PHE A 135 -0.22 12.83 -4.28
CA PHE A 135 0.23 12.62 -5.65
C PHE A 135 1.65 12.05 -5.80
N GLY A 136 2.22 11.68 -4.67
CA GLY A 136 3.50 11.05 -4.57
C GLY A 136 3.96 10.02 -5.59
N PHE A 137 3.28 8.90 -5.71
CA PHE A 137 3.72 7.89 -6.64
C PHE A 137 4.06 8.43 -8.00
N TYR A 138 3.10 9.05 -8.70
CA TYR A 138 3.39 9.53 -10.04
C TYR A 138 4.37 10.71 -10.14
N ALA A 139 4.56 11.49 -9.08
CA ALA A 139 5.66 12.49 -9.13
C ALA A 139 7.01 11.77 -9.20
N GLY A 140 7.09 10.67 -8.45
CA GLY A 140 8.33 9.90 -8.39
C GLY A 140 8.53 9.14 -9.68
N PHE A 141 7.46 8.54 -10.17
CA PHE A 141 7.45 7.93 -11.51
C PHE A 141 7.90 8.89 -12.62
N ALA A 142 7.27 10.08 -12.70
CA ALA A 142 7.59 11.04 -13.74
C ALA A 142 9.01 11.59 -13.57
N GLY A 143 9.38 11.79 -12.31
CA GLY A 143 10.70 12.33 -11.94
C GLY A 143 11.83 11.42 -12.38
N ALA A 144 11.71 10.14 -12.05
CA ALA A 144 12.63 9.15 -12.50
C ALA A 144 12.73 9.12 -14.01
N ALA A 145 11.60 9.25 -14.72
CA ALA A 145 11.56 9.12 -16.18
C ALA A 145 12.29 10.23 -16.85
N LEU A 146 12.20 11.46 -16.33
CA LEU A 146 12.98 12.55 -16.90
C LEU A 146 14.42 12.41 -16.44
N GLY A 147 14.63 11.80 -15.26
CA GLY A 147 15.98 11.55 -14.81
C GLY A 147 16.71 10.66 -15.83
N VAL A 148 16.03 9.60 -16.27
CA VAL A 148 16.61 8.71 -17.25
C VAL A 148 16.78 9.42 -18.57
N ARG A 149 15.78 10.17 -19.00
CA ARG A 149 15.93 10.89 -20.29
C ARG A 149 17.03 11.88 -20.22
N ASP A 150 17.22 12.52 -19.07
CA ASP A 150 18.37 13.40 -18.96
C ASP A 150 19.75 12.72 -19.01
N TRP A 151 19.93 11.63 -18.27
CA TRP A 151 21.18 10.88 -18.34
C TRP A 151 21.43 10.38 -19.76
N ALA A 152 20.37 9.97 -20.44
CA ALA A 152 20.49 9.41 -21.75
C ALA A 152 20.89 10.53 -22.75
N PHE A 153 20.26 11.70 -22.60
CA PHE A 153 20.57 12.87 -23.44
C PHE A 153 22.04 13.27 -23.25
N LYS A 154 22.58 13.14 -22.03
CA LYS A 154 23.93 13.53 -21.86
C LYS A 154 24.89 12.60 -22.59
N GLN A 155 24.43 11.37 -22.91
CA GLN A 155 25.26 10.37 -23.62
C GLN A 155 25.18 10.55 -25.11
N THR A 156 24.06 11.06 -25.60
CA THR A 156 23.89 11.17 -27.03
C THR A 156 23.97 12.58 -27.62
N HIS A 157 24.29 13.61 -26.86
CA HIS A 157 24.27 14.99 -27.38
C HIS A 157 25.43 15.72 -26.71
N SER A 158 25.95 16.80 -27.31
CA SER A 158 27.05 17.56 -26.71
C SER A 158 26.57 18.36 -25.48
N ASP A 159 27.48 18.67 -24.55
CA ASP A 159 27.24 19.49 -23.34
C ASP A 159 26.50 20.80 -23.48
N ASP A 160 26.41 21.31 -24.71
CA ASP A 160 25.87 22.64 -25.00
C ASP A 160 24.41 22.57 -25.44
N GLU A 161 23.86 21.35 -25.58
CA GLU A 161 22.42 21.16 -25.73
C GLU A 161 21.82 20.77 -24.37
N ASP A 162 20.66 21.34 -24.03
CA ASP A 162 19.90 20.90 -22.84
C ASP A 162 18.73 20.07 -23.26
N LEU A 163 18.35 19.09 -22.43
CA LEU A 163 17.16 18.27 -22.70
C LEU A 163 16.01 19.20 -23.16
N PRO A 164 15.36 18.87 -24.31
CA PRO A 164 14.38 19.88 -24.65
C PRO A 164 13.11 19.79 -23.82
N ALA A 165 12.23 20.74 -24.12
CA ALA A 165 11.00 20.98 -23.45
C ALA A 165 10.09 19.74 -23.49
N VAL A 166 9.54 19.39 -22.34
CA VAL A 166 8.84 18.15 -22.24
C VAL A 166 7.34 18.40 -22.15
N SER A 167 6.53 17.41 -22.52
CA SER A 167 5.11 17.57 -22.41
C SER A 167 4.43 16.37 -21.72
N PRO A 168 3.21 16.57 -21.19
CA PRO A 168 2.53 15.37 -20.66
C PRO A 168 2.23 14.17 -21.62
N TYR A 169 2.03 12.98 -21.04
CA TYR A 169 1.70 11.78 -21.83
C TYR A 169 0.31 11.32 -21.47
N PRO A 170 -0.46 10.85 -22.49
CA PRO A 170 -1.86 10.47 -22.32
C PRO A 170 -2.08 9.17 -21.52
N ASN A 171 -1.01 8.39 -21.33
CA ASN A 171 -1.05 7.19 -20.50
C ASN A 171 0.37 6.72 -20.25
N GLU A 172 0.54 5.83 -19.29
CA GLU A 172 1.88 5.39 -18.80
C GLU A 172 2.75 4.64 -19.84
N LYS A 173 2.17 3.66 -20.53
CA LYS A 173 2.75 2.98 -21.68
C LYS A 173 3.42 3.92 -22.75
N ALA A 174 2.86 5.11 -22.98
CA ALA A 174 3.43 6.03 -23.95
C ALA A 174 4.67 6.69 -23.37
N LEU A 175 4.62 7.03 -22.07
CA LEU A 175 5.82 7.53 -21.43
C LEU A 175 6.95 6.51 -21.40
N VAL A 176 6.63 5.25 -21.09
CA VAL A 176 7.65 4.26 -20.84
C VAL A 176 8.37 4.00 -22.19
N LYS A 177 7.61 3.98 -23.29
CA LYS A 177 8.16 3.69 -24.59
C LYS A 177 9.18 4.70 -25.00
N ASP A 178 8.90 5.98 -24.72
CA ASP A 178 9.74 7.09 -25.07
C ASP A 178 11.01 7.10 -24.23
N VAL A 179 10.90 6.78 -22.93
CA VAL A 179 12.08 6.75 -22.05
C VAL A 179 12.99 5.59 -22.48
N THR A 180 12.34 4.45 -22.76
CA THR A 180 12.95 3.23 -23.26
C THR A 180 13.75 3.45 -24.53
N LYS A 181 13.12 4.08 -25.52
CA LYS A 181 13.79 4.47 -26.77
C LYS A 181 15.01 5.34 -26.48
N ASP A 182 14.87 6.47 -25.82
CA ASP A 182 16.04 7.25 -25.43
C ASP A 182 17.13 6.45 -24.65
N TYR A 183 16.70 5.55 -23.77
CA TYR A 183 17.61 4.75 -22.95
C TYR A 183 18.39 3.80 -23.83
N LYS A 184 17.74 3.13 -24.76
CA LYS A 184 18.43 2.19 -25.62
C LYS A 184 19.43 2.92 -26.51
N GLU A 185 19.07 4.13 -26.98
CA GLU A 185 19.99 4.96 -27.75
C GLU A 185 21.23 5.24 -26.94
N ALA A 186 21.10 5.58 -25.66
CA ALA A 186 22.26 5.83 -24.80
C ALA A 186 23.23 4.62 -24.71
N LEU A 187 22.69 3.42 -24.64
CA LEU A 187 23.48 2.19 -24.48
C LEU A 187 24.28 1.87 -25.73
N ALA A 188 23.73 2.27 -26.88
CA ALA A 188 24.43 2.09 -28.16
C ALA A 188 25.74 2.87 -28.28
N THR A 189 25.98 3.81 -27.36
CA THR A 189 27.18 4.64 -27.39
C THR A 189 28.26 4.00 -26.50
N GLY A 190 27.90 2.87 -25.90
CA GLY A 190 28.84 2.23 -24.97
C GLY A 190 28.78 2.69 -23.50
N ALA A 191 27.84 3.56 -23.17
CA ALA A 191 27.63 3.90 -21.71
C ALA A 191 27.21 2.68 -20.86
N ARG A 192 27.84 2.56 -19.69
CA ARG A 192 27.42 1.65 -18.63
C ARG A 192 25.94 1.90 -18.24
N LYS A 193 25.13 0.86 -18.02
CA LYS A 193 23.78 1.08 -17.47
C LYS A 193 23.86 1.90 -16.18
N PRO A 194 22.92 2.86 -16.01
CA PRO A 194 23.05 3.77 -14.87
C PRO A 194 22.84 3.09 -13.54
N THR A 195 23.61 3.51 -12.55
CA THR A 195 23.27 3.18 -11.20
C THR A 195 22.49 4.39 -10.74
N VAL A 196 21.40 4.13 -10.06
CA VAL A 196 20.46 5.14 -9.72
C VAL A 196 20.27 5.09 -8.20
N LEU A 197 20.61 6.17 -7.52
CA LEU A 197 20.42 6.23 -6.07
C LEU A 197 19.19 7.03 -5.67
N ILE A 198 18.31 6.41 -4.90
CA ILE A 198 17.06 7.01 -4.43
C ILE A 198 17.07 7.08 -2.92
N ILE A 199 17.00 8.30 -2.35
CA ILE A 199 16.94 8.50 -0.89
C ILE A 199 15.51 8.84 -0.58
N GLY A 200 14.94 8.15 0.40
CA GLY A 200 13.51 8.11 0.61
C GLY A 200 12.76 7.06 -0.22
N ALA A 201 13.42 5.95 -0.56
CA ALA A 201 12.82 4.90 -1.45
C ALA A 201 11.57 4.22 -0.99
N LEU A 202 11.29 4.23 0.31
CA LEU A 202 10.14 3.49 0.83
C LEU A 202 8.79 4.25 0.77
N GLY A 203 8.83 5.56 0.51
CA GLY A 203 7.60 6.35 0.42
C GLY A 203 6.87 6.15 -0.90
N ARG A 204 5.85 6.95 -1.10
CA ARG A 204 5.08 6.99 -2.34
C ARG A 204 5.91 7.36 -3.59
N SER A 205 6.63 8.48 -3.55
CA SER A 205 7.36 8.90 -4.74
C SER A 205 8.51 7.91 -5.01
N GLY A 206 9.28 7.55 -3.97
CA GLY A 206 10.35 6.55 -4.06
C GLY A 206 9.79 5.35 -4.77
N SER A 207 8.59 4.93 -4.34
CA SER A 207 7.99 3.74 -4.95
C SER A 207 7.74 3.89 -6.45
N GLY A 208 7.24 5.07 -6.84
CA GLY A 208 6.95 5.37 -8.25
C GLY A 208 8.25 5.41 -9.06
N ALA A 209 9.28 5.99 -8.47
CA ALA A 209 10.59 6.05 -9.09
C ALA A 209 11.02 4.66 -9.37
N ILE A 210 10.91 3.79 -8.38
CA ILE A 210 11.42 2.44 -8.55
C ILE A 210 10.61 1.75 -9.60
N ASP A 211 9.30 1.91 -9.51
CA ASP A 211 8.42 1.38 -10.53
C ASP A 211 8.78 1.78 -11.96
N LEU A 212 9.09 3.04 -12.19
CA LEU A 212 9.51 3.52 -13.53
C LEU A 212 10.77 2.78 -14.00
N LEU A 213 11.77 2.72 -13.13
CA LEU A 213 13.06 2.16 -13.49
C LEU A 213 12.92 0.71 -13.92
N HIS A 214 12.20 -0.10 -13.16
CA HIS A 214 11.94 -1.45 -13.61
C HIS A 214 11.31 -1.51 -15.01
N LYS A 215 10.26 -0.73 -15.25
CA LYS A 215 9.52 -0.74 -16.48
C LYS A 215 10.36 -0.33 -17.65
N VAL A 216 11.33 0.54 -17.38
CA VAL A 216 12.23 1.04 -18.40
C VAL A 216 13.32 0.00 -18.68
N GLY A 217 13.74 -0.77 -17.67
CA GLY A 217 14.67 -1.90 -17.88
C GLY A 217 16.04 -1.77 -17.22
N ILE A 218 16.17 -0.81 -16.33
CA ILE A 218 17.36 -0.66 -15.49
C ILE A 218 17.43 -1.83 -14.47
N PRO A 219 18.59 -2.54 -14.41
CA PRO A 219 18.65 -3.73 -13.56
C PRO A 219 18.36 -3.38 -12.14
N ASP A 220 17.76 -4.30 -11.40
CA ASP A 220 17.34 -4.06 -10.06
C ASP A 220 18.54 -3.75 -9.16
N ALA A 221 19.67 -4.39 -9.44
CA ALA A 221 20.84 -4.29 -8.59
C ALA A 221 21.52 -2.92 -8.84
N ASN A 222 21.07 -2.27 -9.91
CA ASN A 222 21.55 -0.95 -10.26
C ASN A 222 20.82 0.17 -9.50
N ILE A 223 19.73 -0.22 -8.85
CA ILE A 223 18.87 0.70 -8.16
C ILE A 223 19.10 0.60 -6.64
N LEU A 224 19.70 1.63 -6.04
CA LEU A 224 20.01 1.59 -4.61
C LEU A 224 18.87 2.24 -3.81
N LYS A 225 18.44 1.58 -2.76
CA LYS A 225 17.21 2.00 -2.13
C LYS A 225 17.46 2.34 -0.69
N TRP A 226 17.65 3.63 -0.44
CA TRP A 226 17.90 4.21 0.87
C TRP A 226 16.66 4.88 1.44
N ASP A 227 16.38 4.59 2.72
CA ASP A 227 15.43 5.37 3.52
C ASP A 227 16.16 5.79 4.80
N ILE A 228 15.42 5.97 5.90
CA ILE A 228 15.97 6.55 7.15
C ILE A 228 17.25 5.88 7.67
N LYS A 229 17.24 4.56 7.79
CA LYS A 229 18.39 3.92 8.40
C LYS A 229 19.66 4.11 7.56
N GLU A 230 19.53 4.23 6.23
CA GLU A 230 20.75 4.36 5.40
C GLU A 230 21.42 5.75 5.50
N THR A 231 20.64 6.80 5.78
CA THR A 231 21.23 8.14 5.97
C THR A 231 21.52 8.53 7.42
N SER A 232 21.21 7.66 8.37
CA SER A 232 21.14 8.09 9.76
C SER A 232 22.47 8.62 10.31
N ARG A 233 23.59 8.24 9.71
CA ARG A 233 24.87 8.71 10.20
C ARG A 233 25.01 10.21 9.92
N GLY A 234 24.42 10.62 8.79
CA GLY A 234 24.43 11.99 8.33
C GLY A 234 25.35 12.11 7.14
N GLY A 235 24.98 12.97 6.19
CA GLY A 235 25.81 13.18 5.01
C GLY A 235 27.03 14.05 5.24
N PRO A 236 27.77 14.40 4.18
CA PRO A 236 27.59 14.04 2.78
C PRO A 236 27.89 12.57 2.53
N PHE A 237 27.29 12.00 1.49
CA PHE A 237 27.50 10.59 1.17
C PHE A 237 28.28 10.44 -0.12
N ASP A 238 29.33 9.61 -0.09
CA ASP A 238 30.16 9.38 -1.27
C ASP A 238 29.41 8.64 -2.37
N GLU A 239 28.36 7.92 -1.98
CA GLU A 239 27.53 7.16 -2.91
C GLU A 239 26.74 8.09 -3.87
N ILE A 240 26.57 9.36 -3.52
CA ILE A 240 25.97 10.31 -4.47
C ILE A 240 26.81 10.68 -5.75
N PRO A 241 28.05 11.22 -5.59
CA PRO A 241 28.91 11.52 -6.77
C PRO A 241 29.20 10.27 -7.62
N GLN A 242 29.14 9.11 -6.95
CA GLN A 242 29.44 7.84 -7.61
C GLN A 242 28.29 7.23 -8.41
N ALA A 243 27.05 7.55 -8.06
CA ALA A 243 25.88 7.08 -8.79
C ALA A 243 25.75 7.86 -10.11
N ASP A 244 25.05 7.34 -11.12
CA ASP A 244 24.87 8.09 -12.40
C ASP A 244 23.74 9.13 -12.25
N ILE A 245 22.68 8.71 -11.54
CA ILE A 245 21.47 9.46 -11.35
C ILE A 245 21.13 9.43 -9.85
N PHE A 246 20.84 10.59 -9.27
CA PHE A 246 20.42 10.65 -7.87
C PHE A 246 19.05 11.28 -7.81
N ILE A 247 18.12 10.58 -7.13
CA ILE A 247 16.72 10.97 -7.04
C ILE A 247 16.34 11.20 -5.60
N ASN A 248 16.10 12.46 -5.23
CA ASN A 248 15.75 12.74 -3.85
C ASN A 248 14.22 12.77 -3.65
N CYS A 249 13.69 11.71 -3.02
CA CYS A 249 12.29 11.60 -2.61
C CYS A 249 12.46 11.76 -1.13
N ILE A 250 11.46 11.79 -0.29
CA ILE A 250 11.85 12.24 1.07
C ILE A 250 10.92 13.34 1.39
N TYR A 251 10.38 13.32 2.61
CA TYR A 251 9.63 14.43 3.13
C TYR A 251 10.52 15.00 4.22
N LEU A 252 11.05 16.18 3.94
CA LEU A 252 11.93 16.85 4.89
C LEU A 252 11.13 17.49 6.05
N SER A 253 11.49 17.14 7.29
CA SER A 253 10.97 17.81 8.52
C SER A 253 12.09 18.35 9.46
N LYS A 254 12.76 17.45 10.18
CA LYS A 254 14.01 17.77 10.91
C LYS A 254 15.06 18.54 10.05
N PRO A 255 15.90 19.40 10.69
CA PRO A 255 17.10 20.05 10.11
C PRO A 255 17.99 19.23 9.15
N ILE A 256 18.67 18.18 9.64
CA ILE A 256 19.41 17.24 8.74
C ILE A 256 20.65 17.82 8.00
N ALA A 257 21.78 17.12 8.08
CA ALA A 257 22.98 17.45 7.29
C ALA A 257 22.83 17.19 5.77
N PRO A 258 23.53 17.98 4.91
CA PRO A 258 23.41 17.85 3.46
C PRO A 258 23.93 16.53 2.90
N PHE A 259 23.20 16.02 1.93
CA PHE A 259 23.46 14.76 1.28
C PHE A 259 24.75 14.79 0.43
N THR A 260 25.04 15.98 -0.16
CA THR A 260 26.22 16.29 -0.97
C THR A 260 26.37 17.83 -1.06
N ASN A 261 27.48 18.32 -1.61
CA ASN A 261 27.74 19.79 -1.67
C ASN A 261 28.71 20.08 -2.78
N MET A 262 28.92 21.35 -3.07
CA MET A 262 29.78 21.72 -4.17
C MET A 262 31.21 21.19 -4.08
N GLU A 263 31.83 21.14 -2.91
CA GLU A 263 33.20 20.63 -2.92
C GLU A 263 33.33 19.13 -3.21
N LYS A 264 32.36 18.32 -2.80
CA LYS A 264 32.47 16.90 -3.11
C LYS A 264 32.13 16.64 -4.57
N LEU A 265 31.23 17.45 -5.14
CA LEU A 265 30.87 17.29 -6.53
C LEU A 265 31.94 17.82 -7.52
N ASN A 266 32.82 18.70 -7.07
CA ASN A 266 33.92 19.14 -7.92
C ASN A 266 35.09 18.13 -7.88
N ASN A 267 34.92 16.99 -8.53
CA ASN A 267 35.90 15.92 -8.51
C ASN A 267 35.91 15.28 -9.88
N PRO A 268 37.09 15.15 -10.50
CA PRO A 268 36.99 14.72 -11.89
C PRO A 268 36.58 13.26 -12.00
N ASN A 269 36.59 12.53 -10.89
CA ASN A 269 36.13 11.11 -10.86
C ASN A 269 34.60 10.97 -10.61
N ARG A 270 33.88 12.11 -10.63
CA ARG A 270 32.45 12.10 -10.35
C ARG A 270 31.76 11.43 -11.52
N ARG A 271 30.84 10.51 -11.22
CA ARG A 271 30.05 9.85 -12.23
C ARG A 271 28.65 10.49 -12.42
N LEU A 272 28.19 11.25 -11.41
CA LEU A 272 26.79 11.76 -11.30
C LEU A 272 26.43 12.73 -12.37
N ARG A 273 25.52 12.33 -13.26
CA ARG A 273 25.03 13.23 -14.31
C ARG A 273 23.77 14.06 -14.00
N THR A 274 22.87 13.55 -13.19
CA THR A 274 21.47 14.02 -13.12
C THR A 274 20.93 13.92 -11.68
N VAL A 275 20.53 15.04 -11.11
CA VAL A 275 19.88 15.06 -9.82
C VAL A 275 18.41 15.32 -10.10
N VAL A 276 17.57 14.45 -9.55
CA VAL A 276 16.13 14.66 -9.66
C VAL A 276 15.60 14.87 -8.25
N ASP A 277 15.34 16.15 -7.94
CA ASP A 277 14.84 16.57 -6.63
C ASP A 277 13.28 16.53 -6.63
N VAL A 278 12.72 15.35 -6.41
CA VAL A 278 11.30 15.25 -6.25
C VAL A 278 10.86 16.09 -5.03
N SER A 279 11.56 16.01 -3.89
CA SER A 279 11.20 16.90 -2.78
C SER A 279 11.09 18.37 -3.17
N ALA A 280 12.04 18.89 -3.96
CA ALA A 280 11.97 20.28 -4.44
C ALA A 280 11.70 21.28 -3.31
N ASP A 281 12.42 21.09 -2.19
CA ASP A 281 12.38 21.98 -1.01
C ASP A 281 13.50 23.05 -1.14
N THR A 282 13.55 23.75 -2.27
CA THR A 282 14.72 24.58 -2.56
C THR A 282 14.93 25.85 -1.70
N THR A 283 13.82 26.49 -1.31
CA THR A 283 13.90 27.70 -0.53
C THR A 283 14.05 27.40 0.98
N ASN A 284 13.87 26.12 1.35
CA ASN A 284 14.11 25.65 2.71
C ASN A 284 15.57 25.82 3.13
N PRO A 285 15.81 26.36 4.35
CA PRO A 285 17.20 26.58 4.78
C PRO A 285 17.94 25.31 5.20
N HIS A 286 17.21 24.19 5.29
CA HIS A 286 17.86 22.91 5.57
C HIS A 286 17.71 21.97 4.37
N ASN A 287 17.71 22.54 3.17
CA ASN A 287 17.62 21.78 1.95
C ASN A 287 18.81 20.82 1.77
N PRO A 288 18.57 19.51 1.89
CA PRO A 288 19.66 18.52 1.85
C PRO A 288 20.55 18.56 0.59
N ILE A 289 20.11 19.24 -0.47
CA ILE A 289 20.93 19.34 -1.67
C ILE A 289 21.09 20.78 -2.20
N PRO A 290 21.83 21.63 -1.49
CA PRO A 290 21.92 23.03 -1.92
C PRO A 290 23.03 23.30 -2.97
N ILE A 291 22.80 22.83 -4.19
CA ILE A 291 23.70 22.93 -5.34
C ILE A 291 23.00 23.63 -6.51
N TYR A 292 21.79 24.13 -6.27
CA TYR A 292 21.00 24.74 -7.32
C TYR A 292 19.99 25.69 -6.72
N THR A 293 19.44 26.59 -7.54
CA THR A 293 18.39 27.44 -7.03
C THR A 293 17.13 27.43 -7.89
N VAL A 294 17.25 27.09 -9.18
CA VAL A 294 16.16 27.28 -10.09
C VAL A 294 15.12 26.18 -9.96
N ALA A 295 13.85 26.56 -9.83
CA ALA A 295 12.84 25.53 -9.92
C ALA A 295 12.58 25.25 -11.38
N THR A 296 13.03 24.10 -11.91
CA THR A 296 12.77 23.87 -13.35
C THR A 296 11.30 23.68 -13.71
N VAL A 297 10.99 23.77 -14.99
CA VAL A 297 9.61 23.60 -15.41
C VAL A 297 9.59 22.75 -16.64
N PHE A 298 8.39 22.38 -17.10
CA PHE A 298 8.25 21.54 -18.26
C PHE A 298 9.00 22.08 -19.45
N ASN A 299 8.72 23.32 -19.84
CA ASN A 299 9.41 24.01 -20.96
C ASN A 299 10.93 24.07 -20.85
N LYS A 300 11.46 23.88 -19.65
CA LYS A 300 12.89 24.00 -19.43
C LYS A 300 13.19 23.04 -18.32
N PRO A 301 13.12 21.73 -18.60
CA PRO A 301 13.10 20.80 -17.52
C PRO A 301 14.41 20.66 -16.71
N THR A 302 15.56 21.08 -17.21
CA THR A 302 16.81 20.89 -16.45
C THR A 302 17.57 22.20 -16.30
N VAL A 303 18.48 22.23 -15.32
CA VAL A 303 19.32 23.40 -15.08
C VAL A 303 20.71 22.87 -14.77
N LEU A 304 21.75 23.50 -15.34
CA LEU A 304 23.16 23.16 -15.07
C LEU A 304 23.60 23.39 -13.61
N VAL A 305 24.46 22.51 -13.11
CA VAL A 305 25.14 22.74 -11.84
C VAL A 305 26.55 23.12 -12.27
N PRO A 306 26.97 24.35 -11.96
CA PRO A 306 28.28 24.75 -12.42
C PRO A 306 29.34 24.12 -11.53
N THR A 307 29.99 23.10 -12.06
CA THR A 307 31.04 22.39 -11.35
C THR A 307 32.34 22.83 -12.00
N THR A 308 33.44 22.77 -11.25
CA THR A 308 34.77 23.07 -11.80
C THR A 308 35.52 21.86 -12.37
N ALA A 309 34.91 20.67 -12.27
CA ALA A 309 35.60 19.39 -12.50
C ALA A 309 34.55 18.34 -12.68
N GLY A 310 34.88 17.23 -13.34
CA GLY A 310 33.91 16.19 -13.69
C GLY A 310 33.00 16.53 -14.88
N PRO A 311 32.18 15.55 -15.32
CA PRO A 311 31.22 15.74 -16.42
C PRO A 311 30.00 16.69 -16.09
N LYS A 312 29.24 17.08 -17.10
CA LYS A 312 28.19 18.09 -16.96
C LYS A 312 27.14 17.45 -16.06
N LEU A 313 26.71 18.21 -15.08
CA LEU A 313 25.78 17.77 -14.11
C LEU A 313 24.61 18.72 -14.21
N SER A 314 23.39 18.15 -14.14
CA SER A 314 22.14 18.91 -14.16
C SER A 314 21.20 18.45 -13.06
N VAL A 315 20.36 19.39 -12.60
CA VAL A 315 19.25 19.15 -11.68
C VAL A 315 17.90 19.26 -12.41
N ILE A 316 16.97 18.36 -12.05
CA ILE A 316 15.54 18.54 -12.35
C ILE A 316 14.90 18.86 -11.02
N SER A 317 14.09 19.93 -10.97
CA SER A 317 13.44 20.31 -9.75
C SER A 317 12.02 20.74 -10.02
N ILE A 318 11.37 20.08 -10.96
CA ILE A 318 9.96 20.42 -11.26
C ILE A 318 9.08 20.13 -10.03
N ASP A 319 8.28 21.13 -9.62
CA ASP A 319 7.37 21.03 -8.46
C ASP A 319 5.97 20.55 -8.89
N HIS A 320 5.82 20.15 -10.16
CA HIS A 320 4.52 19.65 -10.61
C HIS A 320 4.66 18.35 -11.41
N LEU A 321 5.44 17.42 -10.89
CA LEU A 321 5.79 16.27 -11.69
C LEU A 321 4.61 15.39 -12.08
N PRO A 322 3.58 15.21 -11.22
CA PRO A 322 2.51 14.27 -11.55
C PRO A 322 1.66 14.69 -12.73
N SER A 323 1.67 15.98 -13.04
CA SER A 323 1.15 16.53 -14.32
C SER A 323 1.67 15.90 -15.59
N LEU A 324 2.84 15.29 -15.54
CA LEU A 324 3.36 14.59 -16.70
C LEU A 324 2.47 13.42 -17.11
N LEU A 325 1.63 12.97 -16.17
CA LEU A 325 0.89 11.74 -16.36
C LEU A 325 -0.46 11.88 -15.66
N PRO A 326 -1.33 12.74 -16.20
CA PRO A 326 -2.56 13.11 -15.50
C PRO A 326 -3.50 11.96 -15.36
N ARG A 327 -3.49 11.05 -16.30
CA ARG A 327 -4.52 10.01 -16.15
C ARG A 327 -4.15 9.13 -14.97
N GLU A 328 -2.87 8.75 -14.89
CA GLU A 328 -2.47 7.79 -13.84
C GLU A 328 -2.40 8.44 -12.48
N ALA A 329 -2.02 9.71 -12.41
CA ALA A 329 -2.00 10.42 -11.16
C ALA A 329 -3.42 10.61 -10.58
N SER A 330 -4.39 10.85 -11.46
CA SER A 330 -5.80 10.92 -11.09
C SER A 330 -6.31 9.58 -10.63
N GLU A 331 -5.98 8.48 -11.32
CA GLU A 331 -6.48 7.14 -10.89
C GLU A 331 -5.98 6.73 -9.49
N PHE A 332 -4.69 6.90 -9.24
CA PHE A 332 -4.12 6.48 -7.98
C PHE A 332 -4.61 7.38 -6.85
N PHE A 333 -4.88 8.65 -7.13
CA PHE A 333 -5.25 9.57 -6.10
C PHE A 333 -6.73 9.36 -5.74
N SER A 334 -7.57 9.18 -6.74
CA SER A 334 -8.97 8.95 -6.53
C SER A 334 -9.12 7.65 -5.77
N HIS A 335 -8.42 6.61 -6.21
CA HIS A 335 -8.42 5.32 -5.50
C HIS A 335 -7.90 5.46 -4.03
N ASP A 336 -6.91 6.32 -3.79
CA ASP A 336 -6.46 6.59 -2.43
C ASP A 336 -7.57 7.27 -1.60
N LEU A 337 -8.33 8.13 -2.28
CA LEU A 337 -9.35 8.93 -1.62
C LEU A 337 -10.66 8.13 -1.31
N LEU A 338 -10.98 7.16 -2.15
CA LEU A 338 -12.23 6.43 -2.16
C LEU A 338 -12.68 5.79 -0.84
N PRO A 339 -11.76 5.13 -0.10
CA PRO A 339 -12.21 4.67 1.22
C PRO A 339 -12.88 5.81 1.98
N SER A 340 -12.27 7.01 2.00
CA SER A 340 -12.85 8.09 2.81
C SER A 340 -14.12 8.60 2.17
N LEU A 341 -14.18 8.52 0.85
CA LEU A 341 -15.40 8.94 0.15
C LEU A 341 -16.56 8.05 0.50
N GLU A 342 -16.26 6.79 0.72
CA GLU A 342 -17.29 5.84 1.02
C GLU A 342 -17.93 6.20 2.32
N LEU A 343 -17.23 6.98 3.16
CA LEU A 343 -17.63 7.32 4.51
C LEU A 343 -18.30 8.68 4.56
N LEU A 344 -18.49 9.32 3.41
CA LEU A 344 -19.25 10.59 3.42
C LEU A 344 -20.64 10.48 4.06
N PRO A 345 -21.37 9.35 3.87
CA PRO A 345 -22.68 9.36 4.57
C PRO A 345 -22.49 9.53 6.05
N GLN A 346 -21.30 9.20 6.58
CA GLN A 346 -21.03 9.40 8.00
C GLN A 346 -20.15 10.63 8.30
N ARG A 347 -20.15 11.61 7.39
CA ARG A 347 -19.18 12.72 7.55
C ARG A 347 -19.34 13.43 8.85
N LYS A 348 -20.54 13.37 9.45
CA LYS A 348 -20.76 14.16 10.65
C LYS A 348 -20.22 13.45 11.87
N THR A 349 -19.71 12.23 11.73
CA THR A 349 -19.06 11.50 12.85
C THR A 349 -17.70 10.81 12.54
N ALA A 350 -17.48 10.37 11.29
CA ALA A 350 -16.18 9.79 10.84
C ALA A 350 -14.99 10.71 11.05
N PRO A 351 -14.01 10.32 11.89
CA PRO A 351 -12.98 11.34 12.18
C PRO A 351 -12.15 11.85 11.01
N VAL A 352 -12.04 11.11 9.92
CA VAL A 352 -11.34 11.68 8.78
C VAL A 352 -12.06 12.97 8.31
N TRP A 353 -13.38 12.91 8.19
CA TRP A 353 -14.16 14.06 7.81
C TRP A 353 -14.33 15.03 9.00
N VAL A 354 -14.33 14.55 10.24
CA VAL A 354 -14.59 15.50 11.31
C VAL A 354 -13.33 16.35 11.53
N ARG A 355 -12.16 15.74 11.51
CA ARG A 355 -10.90 16.50 11.58
C ARG A 355 -10.81 17.64 10.56
N ALA A 356 -11.17 17.32 9.32
CA ALA A 356 -11.13 18.28 8.23
C ALA A 356 -12.19 19.37 8.45
N LYS A 357 -13.34 19.03 9.00
CA LYS A 357 -14.30 20.11 9.34
C LYS A 357 -13.79 20.97 10.49
N LYS A 358 -13.22 20.36 11.53
CA LYS A 358 -12.64 21.12 12.64
C LYS A 358 -11.48 22.05 12.26
N LEU A 359 -10.66 21.60 11.30
CA LEU A 359 -9.54 22.38 10.80
C LEU A 359 -10.09 23.63 10.12
N PHE A 360 -11.14 23.42 9.31
CA PHE A 360 -11.95 24.49 8.73
C PHE A 360 -12.49 25.46 9.79
N ASP A 361 -13.19 24.93 10.80
CA ASP A 361 -13.66 25.73 11.95
C ASP A 361 -12.51 26.58 12.54
N ARG A 362 -11.43 25.93 12.99
CA ARG A 362 -10.23 26.63 13.52
C ARG A 362 -9.77 27.85 12.68
N HIS A 363 -9.72 27.66 11.36
CA HIS A 363 -9.29 28.67 10.39
C HIS A 363 -10.31 29.80 10.09
N CYS A 364 -11.61 29.53 10.10
CA CYS A 364 -12.63 30.60 10.05
C CYS A 364 -12.60 31.50 11.29
N ALA A 365 -12.41 30.91 12.48
CA ALA A 365 -12.21 31.68 13.73
C ALA A 365 -11.09 32.72 13.59
N ARG A 366 -10.15 32.46 12.66
CA ARG A 366 -9.03 33.34 12.38
C ARG A 366 -9.37 34.54 11.51
N VAL A 367 -10.61 34.62 10.99
CA VAL A 367 -11.15 35.89 10.47
C VAL A 367 -12.50 36.30 11.10
N ALA B 3 12.28 -14.67 -20.28
CA ALA B 3 11.65 -15.99 -20.65
C ALA B 3 11.82 -17.02 -19.54
N VAL B 4 11.51 -16.62 -18.31
CA VAL B 4 11.47 -17.56 -17.17
C VAL B 4 10.34 -18.56 -17.38
N THR B 5 10.53 -19.77 -16.90
CA THR B 5 9.39 -20.66 -16.78
C THR B 5 9.09 -20.92 -15.29
N LEU B 6 7.79 -20.85 -14.96
CA LEU B 6 7.29 -21.09 -13.60
C LEU B 6 6.30 -22.19 -13.63
N HIS B 7 6.37 -23.04 -12.62
CA HIS B 7 5.57 -24.26 -12.58
C HIS B 7 4.89 -24.26 -11.20
N LEU B 8 3.56 -24.09 -11.21
CA LEU B 8 2.73 -24.00 -9.98
C LEU B 8 2.31 -25.36 -9.42
N ARG B 9 2.98 -25.77 -8.35
CA ARG B 9 2.84 -27.10 -7.84
C ARG B 9 1.52 -27.23 -7.07
N ALA B 10 0.85 -28.36 -7.17
CA ALA B 10 -0.39 -28.56 -6.33
C ALA B 10 0.02 -28.72 -4.85
N GLU B 11 -0.72 -28.11 -3.95
CA GLU B 11 -0.43 -28.23 -2.55
C GLU B 11 -0.83 -29.65 -2.11
N THR B 12 -0.04 -30.23 -1.23
CA THR B 12 -0.33 -31.53 -0.65
C THR B 12 -0.62 -31.46 0.87
N LYS B 13 -0.38 -30.31 1.49
CA LYS B 13 -0.67 -30.16 2.91
C LYS B 13 -2.16 -30.28 3.17
N PRO B 14 -2.53 -31.14 4.12
CA PRO B 14 -3.96 -31.30 4.39
C PRO B 14 -4.67 -29.94 4.61
N LEU B 15 -5.85 -29.81 3.99
CA LEU B 15 -6.74 -28.62 4.06
C LEU B 15 -6.21 -27.27 3.50
N GLU B 16 -5.03 -27.29 2.85
CA GLU B 16 -4.46 -26.08 2.27
C GLU B 16 -5.10 -25.86 0.88
N ALA B 17 -5.89 -24.79 0.79
CA ALA B 17 -6.72 -24.44 -0.39
C ALA B 17 -6.19 -23.20 -1.15
N ARG B 18 -5.31 -22.45 -0.52
CA ARG B 18 -4.63 -21.33 -1.14
C ARG B 18 -3.65 -21.74 -2.27
N ALA B 19 -3.30 -20.77 -3.09
CA ALA B 19 -2.29 -20.96 -4.14
C ALA B 19 -1.27 -19.81 -4.12
N ALA B 20 -0.01 -20.09 -4.48
CA ALA B 20 1.02 -18.99 -4.54
C ALA B 20 0.80 -18.06 -5.75
N LEU B 21 0.26 -18.62 -6.81
CA LEU B 21 -0.11 -17.88 -8.00
C LEU B 21 -1.61 -18.02 -8.20
N THR B 22 -2.28 -16.93 -8.50
CA THR B 22 -3.72 -16.99 -8.77
C THR B 22 -3.95 -16.86 -10.27
N PRO B 23 -5.17 -17.20 -10.76
CA PRO B 23 -5.33 -17.10 -12.17
C PRO B 23 -4.98 -15.71 -12.64
N THR B 24 -5.24 -14.72 -11.79
CA THR B 24 -4.97 -13.33 -12.09
C THR B 24 -3.49 -12.94 -12.20
N THR B 25 -2.61 -13.32 -11.26
CA THR B 25 -1.19 -13.00 -11.46
C THR B 25 -0.56 -13.85 -12.53
N VAL B 26 -1.07 -15.06 -12.75
CA VAL B 26 -0.60 -15.86 -13.87
C VAL B 26 -0.77 -15.05 -15.14
N LYS B 27 -1.94 -14.44 -15.30
CA LYS B 27 -2.26 -13.68 -16.52
C LYS B 27 -1.36 -12.47 -16.66
N LYS B 28 -1.01 -11.81 -15.56
CA LYS B 28 -0.05 -10.72 -15.60
C LYS B 28 1.39 -11.15 -15.90
N LEU B 29 1.79 -12.29 -15.32
CA LEU B 29 3.09 -12.86 -15.63
C LEU B 29 3.23 -13.31 -17.08
N ILE B 30 2.18 -13.87 -17.65
CA ILE B 30 2.24 -14.29 -19.06
C ILE B 30 2.45 -13.06 -19.99
N ALA B 31 1.88 -11.93 -19.60
CA ALA B 31 1.98 -10.70 -20.37
C ALA B 31 3.38 -10.14 -20.33
N LYS B 32 4.15 -10.47 -19.31
CA LYS B 32 5.57 -10.05 -19.20
C LYS B 32 6.48 -11.07 -19.91
N GLY B 33 5.85 -12.05 -20.58
CA GLY B 33 6.57 -13.08 -21.31
C GLY B 33 6.98 -14.32 -20.53
N PHE B 34 6.42 -14.53 -19.32
CA PHE B 34 6.70 -15.76 -18.58
C PHE B 34 5.92 -16.94 -19.19
N LYS B 35 6.47 -18.12 -19.05
CA LYS B 35 5.77 -19.35 -19.47
C LYS B 35 5.31 -20.00 -18.17
N ILE B 36 4.02 -20.26 -17.99
CA ILE B 36 3.58 -20.77 -16.70
C ILE B 36 2.85 -22.05 -16.86
N TYR B 37 3.25 -23.11 -16.14
CA TYR B 37 2.51 -24.36 -16.07
C TYR B 37 1.77 -24.42 -14.75
N VAL B 38 0.54 -24.88 -14.76
CA VAL B 38 -0.22 -25.02 -13.51
C VAL B 38 -0.66 -26.46 -13.28
N GLU B 39 -0.35 -27.01 -12.12
CA GLU B 39 -0.84 -28.32 -11.74
C GLU B 39 -2.29 -28.24 -11.39
N ASP B 40 -2.99 -29.30 -11.76
CA ASP B 40 -4.42 -29.45 -11.54
C ASP B 40 -4.72 -30.03 -10.14
N SER B 41 -5.24 -29.16 -9.28
CA SER B 41 -5.22 -29.40 -7.85
C SER B 41 -6.57 -29.83 -7.28
N PRO B 42 -6.55 -30.96 -6.58
CA PRO B 42 -7.74 -31.44 -5.92
C PRO B 42 -8.16 -30.45 -4.82
N GLN B 43 -7.20 -29.87 -4.12
CA GLN B 43 -7.51 -29.12 -2.91
C GLN B 43 -7.45 -27.63 -3.03
N SER B 44 -7.31 -27.12 -4.25
CA SER B 44 -7.20 -25.67 -4.41
C SER B 44 -8.54 -25.01 -4.56
N THR B 45 -8.60 -23.79 -4.07
CA THR B 45 -9.86 -23.08 -4.07
C THR B 45 -10.22 -22.51 -5.42
N PHE B 46 -9.29 -22.56 -6.38
CA PHE B 46 -9.51 -22.00 -7.69
C PHE B 46 -9.97 -23.16 -8.64
N ASN B 47 -10.84 -22.86 -9.59
CA ASN B 47 -11.14 -23.89 -10.58
C ASN B 47 -10.02 -23.91 -11.62
N ILE B 48 -9.58 -25.10 -12.04
CA ILE B 48 -8.49 -25.19 -13.00
C ILE B 48 -8.82 -24.43 -14.30
N ASN B 49 -10.10 -24.31 -14.62
CA ASN B 49 -10.49 -23.53 -15.77
C ASN B 49 -10.07 -22.11 -15.75
N GLU B 50 -10.17 -21.51 -14.58
CA GLU B 50 -9.70 -20.15 -14.40
C GLU B 50 -8.23 -20.02 -14.80
N TYR B 51 -7.42 -20.99 -14.45
CA TYR B 51 -6.01 -20.85 -14.77
C TYR B 51 -5.77 -21.11 -16.25
N ARG B 52 -6.54 -22.05 -16.81
CA ARG B 52 -6.49 -22.38 -18.22
C ARG B 52 -6.91 -21.17 -19.07
N GLN B 53 -7.94 -20.47 -18.62
CA GLN B 53 -8.37 -19.29 -19.37
C GLN B 53 -7.48 -18.08 -19.15
N ALA B 54 -6.66 -18.06 -18.11
CA ALA B 54 -5.61 -17.04 -17.96
C ALA B 54 -4.40 -17.34 -18.83
N GLY B 55 -4.35 -18.56 -19.37
CA GLY B 55 -3.35 -18.94 -20.35
C GLY B 55 -2.29 -19.89 -19.82
N ALA B 56 -2.48 -20.41 -18.61
CA ALA B 56 -1.53 -21.41 -18.10
C ALA B 56 -1.60 -22.68 -18.93
N ILE B 57 -0.48 -23.39 -18.96
CA ILE B 57 -0.52 -24.75 -19.47
C ILE B 57 -0.89 -25.68 -18.31
N ILE B 58 -1.88 -26.54 -18.52
CA ILE B 58 -2.38 -27.41 -17.50
C ILE B 58 -1.70 -28.76 -17.50
N VAL B 59 -1.15 -29.14 -16.34
CA VAL B 59 -0.45 -30.40 -16.25
C VAL B 59 -0.91 -31.18 -15.00
N PRO B 60 -0.71 -32.51 -14.97
CA PRO B 60 -1.22 -33.27 -13.81
C PRO B 60 -0.60 -32.90 -12.48
N ALA B 61 -1.28 -33.26 -11.39
CA ALA B 61 -0.71 -33.16 -10.06
C ALA B 61 0.59 -33.95 -9.97
N GLY B 62 1.59 -33.36 -9.35
CA GLY B 62 2.82 -34.09 -9.13
C GLY B 62 3.84 -34.00 -10.27
N SER B 63 3.53 -33.23 -11.30
CA SER B 63 4.37 -33.11 -12.48
C SER B 63 5.74 -32.49 -12.22
N TRP B 64 5.82 -31.69 -11.17
CA TRP B 64 7.02 -30.92 -10.88
C TRP B 64 8.21 -31.83 -10.55
N LYS B 65 7.89 -33.05 -10.10
CA LYS B 65 8.87 -33.99 -9.62
C LYS B 65 9.79 -34.41 -10.74
N THR B 66 9.27 -34.47 -11.97
CA THR B 66 10.13 -34.83 -13.10
C THR B 66 10.25 -33.76 -14.18
N ALA B 67 9.66 -32.58 -13.94
CA ALA B 67 9.75 -31.44 -14.83
C ALA B 67 11.21 -31.12 -15.14
N PRO B 68 11.48 -30.60 -16.33
CA PRO B 68 12.88 -30.23 -16.68
C PRO B 68 13.43 -29.24 -15.68
N ARG B 69 14.73 -29.25 -15.48
CA ARG B 69 15.36 -28.29 -14.53
C ARG B 69 15.47 -26.83 -15.05
N ASP B 70 14.72 -26.47 -16.08
CA ASP B 70 14.70 -25.07 -16.46
C ASP B 70 13.54 -24.37 -15.73
N ARG B 71 12.53 -25.15 -15.32
CA ARG B 71 11.33 -24.57 -14.70
C ARG B 71 11.60 -24.29 -13.25
N ILE B 72 11.10 -23.13 -12.80
CA ILE B 72 11.19 -22.76 -11.39
C ILE B 72 9.90 -23.33 -10.78
N ILE B 73 10.02 -24.14 -9.72
CA ILE B 73 8.86 -24.71 -9.11
C ILE B 73 8.38 -23.78 -8.01
N ILE B 74 7.16 -23.26 -8.14
CA ILE B 74 6.62 -22.39 -7.10
C ILE B 74 5.47 -23.10 -6.40
N GLY B 75 5.50 -23.08 -5.08
CA GLY B 75 4.45 -23.69 -4.27
C GLY B 75 4.23 -22.82 -3.05
N LEU B 76 3.31 -23.20 -2.19
CA LEU B 76 3.10 -22.37 -1.01
C LEU B 76 3.69 -23.01 0.25
N LYS B 77 3.23 -24.21 0.59
CA LYS B 77 3.58 -24.79 1.87
C LYS B 77 4.67 -25.81 1.74
N GLU B 78 4.93 -26.49 2.86
CA GLU B 78 6.04 -27.43 2.91
C GLU B 78 5.74 -28.75 2.17
N MET B 79 6.83 -29.39 1.70
CA MET B 79 6.85 -30.76 1.14
C MET B 79 6.38 -31.75 2.19
N PRO B 80 5.79 -32.88 1.76
CA PRO B 80 5.50 -34.04 2.63
C PRO B 80 6.77 -34.45 3.34
N GLU B 81 6.66 -34.82 4.61
CA GLU B 81 7.83 -35.21 5.43
C GLU B 81 8.36 -36.55 4.96
N THR B 82 7.46 -37.28 4.29
CA THR B 82 7.61 -38.62 3.79
C THR B 82 8.23 -38.65 2.35
N ASP B 83 8.31 -37.50 1.68
CA ASP B 83 9.09 -37.41 0.46
C ASP B 83 10.59 -37.40 0.80
N THR B 84 11.36 -38.23 0.11
CA THR B 84 12.77 -38.32 0.36
C THR B 84 13.62 -38.18 -0.88
N PHE B 85 13.00 -38.14 -2.06
CA PHE B 85 13.80 -38.07 -3.26
C PHE B 85 14.61 -36.75 -3.30
N PRO B 86 15.74 -36.67 -4.05
CA PRO B 86 16.55 -35.43 -4.13
C PRO B 86 15.77 -34.30 -4.77
N LEU B 87 15.94 -33.08 -4.27
CA LEU B 87 15.22 -31.96 -4.84
C LEU B 87 16.20 -31.22 -5.76
N VAL B 88 15.87 -31.27 -7.06
CA VAL B 88 16.73 -30.91 -8.17
C VAL B 88 16.49 -29.49 -8.72
N HIS B 89 15.33 -28.91 -8.41
CA HIS B 89 14.97 -27.62 -9.01
C HIS B 89 15.28 -26.41 -8.17
N GLU B 90 15.04 -25.24 -8.78
CA GLU B 90 14.94 -24.01 -8.07
C GLU B 90 13.54 -24.03 -7.53
N HIS B 91 13.34 -23.96 -6.21
CA HIS B 91 11.99 -23.96 -5.59
C HIS B 91 11.69 -22.66 -4.89
N ILE B 92 10.49 -22.11 -5.09
CA ILE B 92 10.00 -20.97 -4.31
C ILE B 92 8.82 -21.45 -3.44
N GLN B 93 8.91 -21.31 -2.11
CA GLN B 93 7.87 -21.81 -1.17
C GLN B 93 8.24 -21.41 0.27
N PHE B 94 7.32 -21.66 1.20
CA PHE B 94 7.60 -21.64 2.60
C PHE B 94 8.04 -23.05 2.94
N ALA B 95 9.31 -23.21 3.30
CA ALA B 95 9.83 -24.53 3.58
C ALA B 95 10.02 -24.78 5.06
N HIS B 96 10.05 -23.70 5.85
CA HIS B 96 10.18 -23.79 7.30
C HIS B 96 11.30 -24.71 7.74
N CYS B 97 12.55 -24.37 7.42
CA CYS B 97 13.65 -25.12 8.01
C CYS B 97 14.75 -24.17 8.45
N TYR B 98 14.40 -22.90 8.59
CA TYR B 98 15.44 -21.93 8.92
C TYR B 98 15.50 -21.59 10.41
N LYS B 99 14.45 -22.02 11.11
CA LYS B 99 14.23 -21.71 12.52
C LYS B 99 14.15 -23.04 13.26
N ASP B 100 14.92 -24.01 12.75
CA ASP B 100 15.27 -25.20 13.51
C ASP B 100 14.10 -26.19 13.77
N GLN B 101 12.98 -25.99 13.06
CA GLN B 101 11.87 -26.94 13.02
C GLN B 101 12.42 -28.38 12.88
N ALA B 102 11.95 -29.29 13.73
CA ALA B 102 12.25 -30.72 13.59
C ALA B 102 12.23 -31.11 12.14
N GLY B 103 13.34 -31.72 11.69
CA GLY B 103 13.50 -32.18 10.30
C GLY B 103 14.16 -31.19 9.32
N TRP B 104 14.49 -30.00 9.79
CA TRP B 104 15.12 -29.00 8.94
C TRP B 104 16.34 -29.47 8.16
N GLN B 105 17.13 -30.38 8.71
CA GLN B 105 18.29 -30.94 8.03
C GLN B 105 17.82 -31.86 6.94
N ASN B 106 16.82 -32.68 7.23
CA ASN B 106 16.32 -33.63 6.24
C ASN B 106 15.91 -32.90 4.98
N VAL B 107 15.23 -31.76 5.17
CA VAL B 107 14.70 -30.94 4.09
C VAL B 107 15.90 -30.36 3.29
N LEU B 108 16.87 -29.82 3.99
CA LEU B 108 18.04 -29.25 3.38
C LEU B 108 18.83 -30.33 2.69
N MET B 109 18.91 -31.51 3.31
CA MET B 109 19.66 -32.61 2.72
C MET B 109 19.10 -32.96 1.35
N ARG B 110 17.80 -32.87 1.19
CA ARG B 110 17.15 -33.20 -0.10
C ARG B 110 17.62 -32.23 -1.21
N PHE B 111 17.88 -30.99 -0.83
CA PHE B 111 18.37 -30.01 -1.75
C PHE B 111 19.82 -30.20 -2.03
N ILE B 112 20.62 -30.41 -0.99
CA ILE B 112 22.02 -30.66 -1.15
C ILE B 112 22.24 -31.89 -2.05
N LYS B 113 21.60 -33.02 -1.76
CA LYS B 113 21.76 -34.20 -2.66
C LYS B 113 21.37 -33.90 -4.12
N GLY B 114 20.31 -33.12 -4.31
CA GLY B 114 19.84 -32.81 -5.66
C GLY B 114 20.48 -31.64 -6.40
N HIS B 115 21.33 -30.85 -5.74
CA HIS B 115 21.78 -29.52 -6.27
C HIS B 115 20.62 -28.55 -6.55
N GLY B 116 19.49 -28.74 -5.86
CA GLY B 116 18.42 -27.78 -5.91
C GLY B 116 18.71 -26.50 -5.15
N THR B 117 17.76 -25.55 -5.23
CA THR B 117 17.85 -24.29 -4.55
C THR B 117 16.52 -23.90 -3.93
N LEU B 118 16.58 -23.53 -2.65
CA LEU B 118 15.41 -23.05 -1.99
C LEU B 118 15.38 -21.54 -1.98
N TYR B 119 14.30 -20.91 -2.46
CA TYR B 119 14.09 -19.47 -2.17
C TYR B 119 12.90 -19.39 -1.26
N ASP B 120 13.13 -19.09 0.02
CA ASP B 120 12.06 -19.24 0.99
C ASP B 120 11.16 -18.03 1.02
N LEU B 121 9.86 -18.22 0.83
CA LEU B 121 8.92 -17.13 0.77
C LEU B 121 8.95 -16.28 2.04
N GLU B 122 9.39 -16.88 3.14
CA GLU B 122 9.35 -16.18 4.42
C GLU B 122 10.52 -15.18 4.58
N PHE B 123 11.54 -15.29 3.74
CA PHE B 123 12.69 -14.41 3.90
C PHE B 123 12.89 -13.57 2.65
N LEU B 124 11.77 -13.38 1.98
CA LEU B 124 11.76 -12.48 0.87
C LEU B 124 11.43 -11.15 1.47
N GLU B 125 12.39 -10.24 1.39
CA GLU B 125 12.27 -8.93 2.00
C GLU B 125 12.98 -7.89 1.18
N ASN B 126 12.61 -6.62 1.39
CA ASN B 126 13.31 -5.49 0.84
C ASN B 126 14.55 -5.20 1.59
N ASP B 127 15.28 -4.20 1.11
CA ASP B 127 16.59 -3.80 1.64
C ASP B 127 16.53 -3.35 3.12
N GLN B 128 15.37 -2.91 3.59
CA GLN B 128 15.19 -2.46 4.99
C GLN B 128 14.66 -3.59 5.85
N GLY B 129 14.63 -4.80 5.29
CA GLY B 129 14.34 -5.97 6.10
C GLY B 129 12.88 -6.20 6.37
N ARG B 130 11.96 -5.61 5.58
CA ARG B 130 10.55 -5.92 5.70
C ARG B 130 10.01 -6.89 4.62
N ARG B 131 9.18 -7.85 5.06
CA ARG B 131 8.63 -8.86 4.14
C ARG B 131 7.88 -8.29 2.97
N VAL B 132 8.16 -8.81 1.79
CA VAL B 132 7.46 -8.37 0.58
C VAL B 132 6.12 -9.00 0.51
N ALA B 133 5.99 -10.22 1.01
CA ALA B 133 4.67 -10.85 0.96
C ALA B 133 4.30 -11.69 2.16
N ALA B 134 3.19 -11.27 2.75
CA ALA B 134 2.68 -11.94 3.89
C ALA B 134 1.15 -12.01 3.73
N PHE B 135 0.52 -12.71 4.66
CA PHE B 135 -0.88 -12.98 4.66
C PHE B 135 -1.65 -12.14 5.70
N GLY B 136 -1.13 -10.98 6.04
CA GLY B 136 -1.78 -10.15 7.06
C GLY B 136 -3.22 -9.67 6.87
N PHE B 137 -3.55 -9.24 5.69
CA PHE B 137 -4.82 -8.53 5.51
C PHE B 137 -6.03 -9.41 5.78
N TYR B 138 -6.10 -10.58 5.14
CA TYR B 138 -7.26 -11.45 5.35
C TYR B 138 -7.21 -12.22 6.66
N ALA B 139 -6.04 -12.25 7.30
CA ALA B 139 -5.99 -12.65 8.68
C ALA B 139 -6.84 -11.67 9.49
N GLY B 140 -6.54 -10.36 9.37
CA GLY B 140 -7.25 -9.31 10.16
C GLY B 140 -8.73 -9.20 9.79
N PHE B 141 -9.02 -9.33 8.50
CA PHE B 141 -10.37 -9.33 8.00
C PHE B 141 -11.15 -10.54 8.59
N ALA B 142 -10.57 -11.74 8.55
CA ALA B 142 -11.28 -12.89 9.04
C ALA B 142 -11.40 -12.87 10.55
N GLY B 143 -10.38 -12.29 11.20
CA GLY B 143 -10.35 -12.19 12.66
C GLY B 143 -11.51 -11.30 13.10
N ALA B 144 -11.61 -10.14 12.45
CA ALA B 144 -12.64 -9.15 12.76
C ALA B 144 -14.04 -9.72 12.53
N ALA B 145 -14.26 -10.38 11.41
CA ALA B 145 -15.52 -11.09 11.19
C ALA B 145 -15.84 -11.95 12.40
N LEU B 146 -14.87 -12.72 12.83
CA LEU B 146 -15.14 -13.68 13.88
C LEU B 146 -15.36 -12.97 15.21
N GLY B 147 -14.66 -11.83 15.40
CA GLY B 147 -14.83 -11.01 16.57
C GLY B 147 -16.21 -10.40 16.65
N VAL B 148 -16.72 -9.96 15.49
CA VAL B 148 -18.01 -9.28 15.44
C VAL B 148 -19.03 -10.35 15.59
N ARG B 149 -18.78 -11.51 15.00
CA ARG B 149 -19.74 -12.62 15.14
C ARG B 149 -19.78 -13.17 16.55
N ASP B 150 -18.66 -13.09 17.30
CA ASP B 150 -18.72 -13.56 18.70
C ASP B 150 -19.44 -12.61 19.60
N TRP B 151 -19.14 -11.33 19.44
CA TRP B 151 -19.80 -10.28 20.22
C TRP B 151 -21.30 -10.46 20.06
N ALA B 152 -21.70 -10.70 18.82
CA ALA B 152 -23.12 -10.75 18.46
C ALA B 152 -23.80 -12.01 19.04
N PHE B 153 -23.12 -13.15 18.94
CA PHE B 153 -23.60 -14.38 19.53
C PHE B 153 -23.91 -14.19 21.02
N LYS B 154 -23.09 -13.41 21.71
CA LYS B 154 -23.28 -13.15 23.11
C LYS B 154 -24.48 -12.21 23.37
N GLN B 155 -24.98 -11.54 22.33
CA GLN B 155 -26.24 -10.79 22.50
C GLN B 155 -27.40 -11.71 22.37
N THR B 156 -27.34 -12.67 21.44
CA THR B 156 -28.48 -13.44 21.07
C THR B 156 -28.59 -14.82 21.70
N HIS B 157 -27.55 -15.32 22.38
CA HIS B 157 -27.55 -16.66 23.00
C HIS B 157 -27.12 -16.57 24.43
N SER B 158 -27.13 -17.69 25.16
CA SER B 158 -26.82 -17.63 26.57
C SER B 158 -25.37 -18.04 26.88
N ASP B 159 -24.82 -17.48 27.95
CA ASP B 159 -23.47 -17.72 28.47
C ASP B 159 -22.95 -19.14 28.45
N ASP B 160 -23.84 -20.13 28.56
CA ASP B 160 -23.40 -21.53 28.53
C ASP B 160 -23.17 -22.03 27.10
N GLU B 161 -23.62 -21.27 26.11
CA GLU B 161 -23.33 -21.60 24.72
C GLU B 161 -22.12 -20.80 24.20
N ASP B 162 -21.25 -21.43 23.40
CA ASP B 162 -20.11 -20.75 22.72
C ASP B 162 -20.37 -20.76 21.23
N LEU B 163 -19.80 -19.79 20.53
CA LEU B 163 -19.82 -19.71 19.09
C LEU B 163 -19.54 -21.05 18.40
N PRO B 164 -20.42 -21.45 17.48
CA PRO B 164 -20.21 -22.68 16.75
C PRO B 164 -18.97 -22.67 15.83
N ALA B 165 -18.41 -23.86 15.59
CA ALA B 165 -17.35 -24.07 14.61
C ALA B 165 -17.61 -23.32 13.30
N VAL B 166 -16.54 -22.81 12.73
CA VAL B 166 -16.58 -22.12 11.44
C VAL B 166 -15.83 -22.93 10.35
N SER B 167 -16.10 -22.61 9.09
CA SER B 167 -15.47 -23.33 7.99
C SER B 167 -15.12 -22.34 6.88
N PRO B 168 -14.06 -22.60 6.08
CA PRO B 168 -13.66 -21.65 5.04
C PRO B 168 -14.82 -21.20 4.13
N TYR B 169 -14.74 -19.97 3.68
CA TYR B 169 -15.70 -19.48 2.74
C TYR B 169 -15.15 -19.40 1.31
N PRO B 170 -16.01 -19.62 0.30
CA PRO B 170 -15.59 -19.50 -1.10
C PRO B 170 -15.25 -18.07 -1.50
N ASN B 171 -15.77 -17.10 -0.75
CA ASN B 171 -15.47 -15.70 -1.05
C ASN B 171 -15.93 -14.78 0.05
N GLU B 172 -15.43 -13.54 -0.02
CA GLU B 172 -15.65 -12.44 0.92
C GLU B 172 -17.12 -12.15 1.14
N LYS B 173 -17.85 -11.96 0.02
CA LYS B 173 -19.26 -11.60 0.05
C LYS B 173 -20.08 -12.58 0.92
N ALA B 174 -19.73 -13.86 0.85
CA ALA B 174 -20.44 -14.85 1.60
C ALA B 174 -20.16 -14.66 3.09
N LEU B 175 -18.90 -14.49 3.47
CA LEU B 175 -18.57 -14.32 4.88
C LEU B 175 -19.27 -13.03 5.37
N VAL B 176 -19.17 -11.97 4.57
CA VAL B 176 -19.79 -10.69 4.98
C VAL B 176 -21.31 -10.75 5.20
N LYS B 177 -21.99 -11.58 4.41
CA LYS B 177 -23.44 -11.75 4.49
C LYS B 177 -23.79 -12.46 5.82
N ASP B 178 -23.00 -13.45 6.18
CA ASP B 178 -23.22 -14.15 7.45
C ASP B 178 -23.08 -13.24 8.67
N VAL B 179 -21.95 -12.55 8.73
CA VAL B 179 -21.61 -11.60 9.79
C VAL B 179 -22.66 -10.52 9.87
N THR B 180 -23.04 -9.96 8.72
CA THR B 180 -24.02 -8.90 8.75
C THR B 180 -25.29 -9.44 9.41
N LYS B 181 -25.78 -10.61 8.98
CA LYS B 181 -26.99 -11.16 9.52
C LYS B 181 -26.91 -11.32 11.03
N ASP B 182 -25.85 -11.96 11.52
CA ASP B 182 -25.68 -12.12 12.95
C ASP B 182 -25.56 -10.77 13.64
N TYR B 183 -24.97 -9.78 12.97
CA TYR B 183 -24.84 -8.43 13.54
C TYR B 183 -26.21 -7.74 13.61
N LYS B 184 -27.03 -7.92 12.58
CA LYS B 184 -28.35 -7.34 12.55
C LYS B 184 -29.19 -7.87 13.72
N GLU B 185 -29.26 -9.21 13.89
CA GLU B 185 -29.99 -9.82 15.01
C GLU B 185 -29.55 -9.31 16.39
N ALA B 186 -28.26 -9.03 16.52
CA ALA B 186 -27.68 -8.58 17.79
C ALA B 186 -28.16 -7.19 18.09
N LEU B 187 -28.35 -6.39 17.05
CA LEU B 187 -28.82 -5.04 17.25
C LEU B 187 -30.29 -5.03 17.62
N ALA B 188 -31.06 -6.02 17.16
CA ALA B 188 -32.49 -6.13 17.60
C ALA B 188 -32.70 -6.30 19.12
N THR B 189 -31.64 -6.64 19.85
CA THR B 189 -31.70 -6.90 21.25
C THR B 189 -31.43 -5.62 22.01
N GLY B 190 -31.26 -4.54 21.25
CA GLY B 190 -30.98 -3.26 21.88
C GLY B 190 -29.55 -3.08 22.34
N ALA B 191 -28.65 -4.02 22.00
CA ALA B 191 -27.23 -3.81 22.22
C ALA B 191 -26.80 -2.52 21.55
N ARG B 192 -25.82 -1.87 22.15
CA ARG B 192 -25.10 -0.76 21.57
C ARG B 192 -24.22 -1.20 20.39
N LYS B 193 -24.28 -0.51 19.27
CA LYS B 193 -23.23 -0.69 18.23
C LYS B 193 -21.85 -0.81 18.89
N PRO B 194 -21.11 -1.87 18.56
CA PRO B 194 -19.92 -2.10 19.34
C PRO B 194 -18.81 -1.13 18.99
N THR B 195 -18.01 -0.78 19.97
CA THR B 195 -16.78 -0.08 19.74
C THR B 195 -15.62 -1.10 19.66
N VAL B 196 -14.79 -0.96 18.64
CA VAL B 196 -13.78 -1.96 18.35
C VAL B 196 -12.43 -1.25 18.39
N LEU B 197 -11.56 -1.67 19.28
CA LEU B 197 -10.30 -1.00 19.34
C LEU B 197 -9.32 -1.90 18.65
N ILE B 198 -8.51 -1.35 17.76
CA ILE B 198 -7.51 -2.12 17.00
C ILE B 198 -6.18 -1.52 17.37
N ILE B 199 -5.29 -2.33 17.93
CA ILE B 199 -3.93 -1.89 18.13
C ILE B 199 -3.12 -2.61 17.06
N GLY B 200 -2.24 -1.82 16.43
CA GLY B 200 -1.52 -2.27 15.23
C GLY B 200 -2.34 -1.94 14.00
N ALA B 201 -3.18 -0.91 14.07
CA ALA B 201 -4.18 -0.62 13.02
C ALA B 201 -3.65 -0.32 11.69
N LEU B 202 -2.42 0.18 11.64
CA LEU B 202 -1.90 0.63 10.34
C LEU B 202 -1.32 -0.50 9.48
N GLY B 203 -1.03 -1.63 10.10
CA GLY B 203 -0.37 -2.70 9.40
C GLY B 203 -1.34 -3.42 8.48
N ARG B 204 -0.84 -4.51 7.91
CA ARG B 204 -1.63 -5.34 7.04
C ARG B 204 -2.89 -5.90 7.74
N SER B 205 -2.74 -6.57 8.90
CA SER B 205 -3.94 -7.15 9.56
C SER B 205 -4.89 -6.10 10.10
N GLY B 206 -4.33 -5.03 10.64
CA GLY B 206 -5.16 -3.88 11.04
C GLY B 206 -6.06 -3.35 9.93
N SER B 207 -5.50 -3.14 8.74
CA SER B 207 -6.25 -2.62 7.61
C SER B 207 -7.33 -3.63 7.20
N GLY B 208 -7.02 -4.91 7.31
CA GLY B 208 -8.04 -5.95 7.03
C GLY B 208 -9.21 -5.95 8.02
N ALA B 209 -8.89 -5.82 9.27
CA ALA B 209 -9.87 -5.70 10.30
C ALA B 209 -10.78 -4.47 10.06
N ILE B 210 -10.17 -3.30 9.68
CA ILE B 210 -10.93 -2.09 9.45
C ILE B 210 -11.91 -2.26 8.28
N ASP B 211 -11.42 -2.89 7.24
CA ASP B 211 -12.18 -3.20 6.05
C ASP B 211 -13.44 -4.00 6.40
N LEU B 212 -13.31 -5.15 7.05
CA LEU B 212 -14.49 -5.96 7.44
C LEU B 212 -15.51 -5.12 8.18
N LEU B 213 -15.03 -4.44 9.21
CA LEU B 213 -15.87 -3.64 10.07
C LEU B 213 -16.68 -2.67 9.22
N HIS B 214 -16.04 -1.95 8.29
CA HIS B 214 -16.77 -1.07 7.37
C HIS B 214 -17.81 -1.84 6.54
N LYS B 215 -17.43 -3.03 6.06
CA LYS B 215 -18.28 -3.75 5.13
C LYS B 215 -19.52 -4.27 5.87
N VAL B 216 -19.39 -4.47 7.18
CA VAL B 216 -20.54 -4.84 7.99
C VAL B 216 -21.33 -3.66 8.56
N GLY B 217 -20.93 -2.44 8.26
CA GLY B 217 -21.68 -1.28 8.72
C GLY B 217 -21.45 -0.77 10.15
N ILE B 218 -20.34 -1.20 10.80
CA ILE B 218 -19.93 -0.63 12.09
C ILE B 218 -19.48 0.83 11.83
N PRO B 219 -20.11 1.84 12.48
CA PRO B 219 -19.71 3.22 12.21
C PRO B 219 -18.20 3.41 12.36
N ASP B 220 -17.63 4.18 11.44
CA ASP B 220 -16.22 4.47 11.47
C ASP B 220 -15.79 5.03 12.82
N ALA B 221 -16.59 5.92 13.41
CA ALA B 221 -16.32 6.55 14.74
C ALA B 221 -16.26 5.57 15.93
N ASN B 222 -16.90 4.41 15.78
CA ASN B 222 -16.80 3.31 16.70
C ASN B 222 -15.53 2.50 16.55
N ILE B 223 -14.69 2.77 15.56
CA ILE B 223 -13.52 1.94 15.30
C ILE B 223 -12.29 2.71 15.71
N LEU B 224 -11.63 2.29 16.76
CA LEU B 224 -10.58 3.17 17.29
C LEU B 224 -9.30 2.54 16.74
N LYS B 225 -8.54 3.32 15.96
CA LYS B 225 -7.47 2.73 15.18
C LYS B 225 -6.18 3.22 15.78
N TRP B 226 -5.54 2.39 16.61
CA TRP B 226 -4.36 2.72 17.40
C TRP B 226 -3.09 2.08 16.79
N ASP B 227 -1.96 2.78 16.86
CA ASP B 227 -0.75 2.16 16.41
C ASP B 227 0.37 2.53 17.39
N ILE B 228 1.60 2.56 16.90
CA ILE B 228 2.75 2.86 17.75
C ILE B 228 2.64 4.17 18.58
N LYS B 229 2.12 5.25 17.98
CA LYS B 229 1.93 6.54 18.69
C LYS B 229 1.03 6.49 19.92
N GLU B 230 -0.08 5.77 19.76
CA GLU B 230 -1.13 5.70 20.77
C GLU B 230 -0.72 4.87 21.97
N THR B 231 0.28 4.01 21.82
CA THR B 231 0.68 3.13 22.91
C THR B 231 1.99 3.49 23.56
N SER B 232 2.71 4.49 23.04
CA SER B 232 4.02 4.87 23.60
C SER B 232 4.04 5.08 25.16
N ARG B 233 3.02 5.74 25.71
CA ARG B 233 2.85 5.87 27.18
C ARG B 233 2.96 4.50 27.89
N GLY B 234 2.62 3.42 27.18
CA GLY B 234 2.81 2.06 27.70
C GLY B 234 1.58 1.62 28.47
N GLY B 235 1.41 0.31 28.62
CA GLY B 235 0.17 -0.22 29.23
C GLY B 235 0.12 -0.23 30.75
N PRO B 236 -1.00 -0.71 31.35
CA PRO B 236 -2.28 -1.12 30.77
C PRO B 236 -3.05 0.06 30.20
N PHE B 237 -4.12 -0.22 29.45
CA PHE B 237 -4.97 0.81 28.83
C PHE B 237 -6.44 0.65 29.16
N ASP B 238 -7.01 1.72 29.74
CA ASP B 238 -8.38 1.66 30.30
C ASP B 238 -9.46 1.54 29.19
N GLU B 239 -9.01 1.85 27.98
CA GLU B 239 -9.86 1.86 26.85
C GLU B 239 -10.09 0.45 26.43
N ILE B 240 -9.17 -0.45 26.74
CA ILE B 240 -9.44 -1.82 26.36
C ILE B 240 -10.69 -2.42 27.08
N PRO B 241 -10.74 -2.44 28.44
CA PRO B 241 -11.97 -2.91 29.06
C PRO B 241 -13.25 -2.15 28.64
N GLN B 242 -13.12 -0.93 28.17
CA GLN B 242 -14.32 -0.11 27.83
C GLN B 242 -14.87 -0.33 26.41
N ALA B 243 -14.13 -1.07 25.58
CA ALA B 243 -14.53 -1.31 24.20
C ALA B 243 -15.38 -2.57 24.14
N ASP B 244 -16.17 -2.79 23.10
CA ASP B 244 -16.86 -4.08 23.08
C ASP B 244 -15.96 -5.22 22.57
N ILE B 245 -15.01 -4.87 21.68
CA ILE B 245 -14.19 -5.83 20.96
C ILE B 245 -12.75 -5.28 20.88
N PHE B 246 -11.75 -6.09 21.14
CA PHE B 246 -10.38 -5.62 21.00
C PHE B 246 -9.56 -6.56 20.09
N ILE B 247 -8.95 -5.97 19.06
CA ILE B 247 -8.26 -6.72 18.02
C ILE B 247 -6.80 -6.33 18.01
N ASN B 248 -5.96 -7.29 18.37
CA ASN B 248 -4.53 -7.11 18.47
C ASN B 248 -3.87 -7.51 17.12
N CYS B 249 -3.40 -6.51 16.41
CA CYS B 249 -2.77 -6.72 15.14
C CYS B 249 -1.34 -6.20 15.20
N ILE B 250 -0.72 -6.24 16.34
CA ILE B 250 0.64 -5.71 16.48
C ILE B 250 1.64 -6.74 15.90
N TYR B 251 2.78 -6.27 15.44
CA TYR B 251 3.95 -7.15 15.25
C TYR B 251 4.88 -6.89 16.43
N LEU B 252 5.06 -7.92 17.25
CA LEU B 252 5.71 -7.80 18.54
C LEU B 252 7.22 -8.06 18.40
N SER B 253 8.05 -7.02 18.62
CA SER B 253 9.52 -7.12 18.38
C SER B 253 10.49 -6.74 19.52
N LYS B 254 10.00 -6.82 20.76
CA LYS B 254 10.74 -6.39 21.97
C LYS B 254 9.72 -6.32 23.09
N PRO B 255 10.16 -6.52 24.35
CA PRO B 255 9.21 -6.44 25.48
C PRO B 255 8.54 -5.07 25.53
N ILE B 256 7.27 -5.05 25.99
CA ILE B 256 6.48 -3.82 26.17
C ILE B 256 5.48 -4.11 27.26
N ALA B 257 5.16 -3.12 28.07
CA ALA B 257 4.22 -3.37 29.16
C ALA B 257 2.88 -3.90 28.62
N PRO B 258 2.25 -4.85 29.35
CA PRO B 258 0.99 -5.44 28.88
C PRO B 258 -0.12 -4.42 28.53
N PHE B 259 -0.92 -4.76 27.51
CA PHE B 259 -2.00 -3.87 27.09
C PHE B 259 -3.15 -3.87 28.10
N THR B 260 -3.37 -5.01 28.74
CA THR B 260 -4.41 -5.14 29.76
C THR B 260 -4.09 -6.38 30.56
N ASN B 261 -4.88 -6.62 31.62
CA ASN B 261 -4.73 -7.78 32.50
C ASN B 261 -6.03 -8.09 33.25
N MET B 262 -6.07 -9.27 33.87
CA MET B 262 -7.22 -9.74 34.64
C MET B 262 -7.69 -8.78 35.71
N GLU B 263 -6.78 -8.13 36.43
CA GLU B 263 -7.19 -7.18 37.45
C GLU B 263 -8.05 -6.09 36.81
N LYS B 264 -7.63 -5.64 35.63
CA LYS B 264 -8.35 -4.57 34.96
C LYS B 264 -9.56 -5.16 34.28
N LEU B 265 -9.46 -6.43 33.89
CA LEU B 265 -10.62 -7.09 33.30
C LEU B 265 -11.69 -7.46 34.31
N ASN B 266 -11.26 -7.71 35.55
CA ASN B 266 -12.16 -8.07 36.63
C ASN B 266 -12.81 -6.86 37.26
N ASN B 267 -13.89 -6.43 36.61
CA ASN B 267 -14.50 -5.14 36.90
C ASN B 267 -15.97 -5.22 36.42
N PRO B 268 -16.91 -4.93 37.34
CA PRO B 268 -18.37 -4.94 37.09
C PRO B 268 -18.73 -4.08 35.88
N ASN B 269 -17.89 -3.10 35.64
CA ASN B 269 -18.18 -2.08 34.66
C ASN B 269 -17.71 -2.45 33.23
N ARG B 270 -16.72 -3.31 33.13
CA ARG B 270 -16.19 -3.79 31.86
C ARG B 270 -17.27 -4.08 30.81
N ARG B 271 -17.06 -3.58 29.60
CA ARG B 271 -17.91 -3.85 28.45
C ARG B 271 -17.26 -4.82 27.47
N LEU B 272 -15.97 -5.08 27.65
CA LEU B 272 -15.26 -5.91 26.65
C LEU B 272 -15.81 -7.34 26.63
N ARG B 273 -16.31 -7.79 25.48
CA ARG B 273 -16.87 -9.13 25.32
C ARG B 273 -15.92 -10.10 24.58
N THR B 274 -15.25 -9.59 23.54
CA THR B 274 -14.48 -10.44 22.62
C THR B 274 -13.11 -9.85 22.34
N VAL B 275 -12.05 -10.63 22.55
CA VAL B 275 -10.66 -10.28 22.22
C VAL B 275 -10.19 -11.18 21.07
N VAL B 276 -9.69 -10.56 19.99
CA VAL B 276 -9.21 -11.32 18.83
C VAL B 276 -7.74 -10.99 18.81
N ASP B 277 -6.94 -12.01 19.12
CA ASP B 277 -5.50 -11.92 19.09
C ASP B 277 -5.05 -12.47 17.75
N VAL B 278 -5.00 -11.60 16.77
CA VAL B 278 -4.55 -11.96 15.43
C VAL B 278 -3.07 -12.25 15.47
N SER B 279 -2.37 -11.49 16.28
CA SER B 279 -0.93 -11.75 16.48
C SER B 279 -0.72 -13.14 17.04
N ALA B 280 -1.52 -13.55 18.01
CA ALA B 280 -1.49 -14.93 18.48
C ALA B 280 -0.08 -15.32 18.95
N ASP B 281 0.50 -14.46 19.78
CA ASP B 281 1.88 -14.65 20.29
C ASP B 281 1.77 -15.29 21.67
N THR B 282 1.02 -16.40 21.76
CA THR B 282 0.64 -16.92 23.06
C THR B 282 1.85 -17.45 23.81
N THR B 283 2.75 -18.10 23.07
CA THR B 283 3.96 -18.74 23.62
C THR B 283 5.04 -17.74 24.08
N ASN B 284 5.08 -16.59 23.42
CA ASN B 284 6.05 -15.52 23.65
C ASN B 284 5.91 -14.93 25.07
N PRO B 285 7.03 -14.71 25.76
CA PRO B 285 7.04 -14.04 27.09
C PRO B 285 6.58 -12.59 27.06
N HIS B 286 6.85 -11.88 25.95
CA HIS B 286 6.46 -10.47 25.83
C HIS B 286 4.94 -10.32 25.61
N ASN B 287 4.22 -11.42 25.34
CA ASN B 287 2.76 -11.36 25.03
C ASN B 287 2.06 -10.20 25.71
N PRO B 288 1.53 -9.25 24.92
CA PRO B 288 0.91 -8.12 25.61
C PRO B 288 -0.53 -8.34 26.04
N ILE B 289 -1.15 -9.46 25.65
CA ILE B 289 -2.43 -9.82 26.29
C ILE B 289 -2.47 -11.22 26.92
N PRO B 290 -1.77 -11.42 28.06
CA PRO B 290 -1.63 -12.74 28.66
C PRO B 290 -2.84 -13.02 29.57
N ILE B 291 -4.00 -13.13 28.96
CA ILE B 291 -5.22 -13.32 29.66
C ILE B 291 -5.70 -14.71 29.32
N TYR B 292 -4.97 -15.41 28.46
CA TYR B 292 -5.44 -16.68 27.93
C TYR B 292 -4.23 -17.56 27.62
N THR B 293 -4.42 -18.88 27.54
CA THR B 293 -3.32 -19.80 27.30
C THR B 293 -3.52 -20.72 26.12
N VAL B 294 -4.73 -20.81 25.58
CA VAL B 294 -5.16 -21.80 24.59
C VAL B 294 -5.27 -21.23 23.18
N ALA B 295 -4.86 -22.02 22.20
CA ALA B 295 -4.79 -21.59 20.82
C ALA B 295 -5.99 -22.20 20.15
N THR B 296 -6.99 -21.37 19.85
CA THR B 296 -8.29 -21.87 19.44
C THR B 296 -8.18 -22.20 17.98
N VAL B 297 -9.18 -22.88 17.43
CA VAL B 297 -9.08 -23.44 16.10
C VAL B 297 -10.48 -23.36 15.52
N PHE B 298 -10.63 -23.65 14.23
CA PHE B 298 -11.95 -23.49 13.57
C PHE B 298 -13.11 -24.21 14.25
N ASN B 299 -12.86 -25.43 14.70
CA ASN B 299 -13.88 -26.29 15.24
C ASN B 299 -14.29 -25.86 16.62
N LYS B 300 -13.54 -24.93 17.17
CA LYS B 300 -13.71 -24.52 18.55
C LYS B 300 -13.04 -23.15 18.65
N PRO B 301 -13.71 -22.10 18.14
CA PRO B 301 -12.96 -20.88 17.85
C PRO B 301 -12.88 -19.82 18.95
N THR B 302 -13.58 -19.98 20.07
CA THR B 302 -13.41 -19.08 21.20
C THR B 302 -12.97 -19.86 22.40
N VAL B 303 -12.27 -19.21 23.29
CA VAL B 303 -11.99 -19.80 24.58
C VAL B 303 -12.49 -18.79 25.57
N LEU B 304 -13.05 -19.31 26.67
CA LEU B 304 -13.54 -18.53 27.80
C LEU B 304 -12.41 -17.89 28.55
N VAL B 305 -12.54 -16.60 28.85
CA VAL B 305 -11.67 -15.98 29.87
C VAL B 305 -12.44 -15.95 31.19
N PRO B 306 -11.92 -16.62 32.23
CA PRO B 306 -12.71 -16.65 33.47
C PRO B 306 -12.50 -15.35 34.21
N THR B 307 -13.60 -14.72 34.59
CA THR B 307 -13.55 -13.41 35.23
C THR B 307 -14.35 -13.51 36.52
N THR B 308 -14.03 -12.64 37.47
CA THR B 308 -14.64 -12.63 38.78
C THR B 308 -15.71 -11.57 38.83
N ALA B 309 -15.82 -10.80 37.76
CA ALA B 309 -16.75 -9.68 37.63
C ALA B 309 -16.87 -9.25 36.16
N GLY B 310 -18.02 -8.68 35.80
CA GLY B 310 -18.30 -8.32 34.42
C GLY B 310 -18.91 -9.45 33.62
N PRO B 311 -19.37 -9.15 32.38
CA PRO B 311 -20.01 -10.13 31.50
C PRO B 311 -18.99 -11.11 30.91
N LYS B 312 -19.53 -12.18 30.29
CA LYS B 312 -18.76 -13.28 29.70
C LYS B 312 -17.79 -12.73 28.66
N LEU B 313 -16.53 -13.15 28.76
CA LEU B 313 -15.45 -12.66 27.92
C LEU B 313 -14.87 -13.82 27.19
N SER B 314 -14.59 -13.69 25.90
CA SER B 314 -13.85 -14.73 25.20
C SER B 314 -12.67 -14.20 24.38
N VAL B 315 -11.76 -15.12 24.09
CA VAL B 315 -10.61 -14.88 23.23
C VAL B 315 -10.73 -15.75 21.96
N ILE B 316 -10.33 -15.18 20.82
CA ILE B 316 -10.14 -15.95 19.60
C ILE B 316 -8.66 -15.85 19.28
N SER B 317 -8.01 -17.01 19.10
CA SER B 317 -6.55 -16.99 18.98
C SER B 317 -6.11 -17.94 17.90
N ILE B 318 -6.88 -18.00 16.83
CA ILE B 318 -6.66 -18.92 15.74
C ILE B 318 -5.45 -18.40 15.01
N ASP B 319 -4.50 -19.30 14.73
CA ASP B 319 -3.25 -18.87 14.10
C ASP B 319 -3.16 -19.11 12.60
N HIS B 320 -4.28 -19.41 12.00
CA HIS B 320 -4.35 -19.66 10.57
C HIS B 320 -5.58 -19.01 10.06
N LEU B 321 -5.81 -17.74 10.42
CA LEU B 321 -7.04 -17.01 10.02
C LEU B 321 -7.17 -16.84 8.52
N PRO B 322 -6.05 -16.75 7.80
CA PRO B 322 -6.22 -16.49 6.37
C PRO B 322 -6.86 -17.62 5.62
N SER B 323 -6.89 -18.82 6.18
CA SER B 323 -7.45 -20.02 5.55
C SER B 323 -8.97 -20.05 5.46
N LEU B 324 -9.64 -19.05 6.08
CA LEU B 324 -11.10 -18.90 6.07
C LEU B 324 -11.61 -18.20 4.82
N LEU B 325 -10.70 -17.50 4.17
CA LEU B 325 -10.91 -16.82 2.88
C LEU B 325 -9.74 -17.19 1.94
N PRO B 326 -9.57 -18.49 1.66
CA PRO B 326 -8.40 -18.90 0.87
C PRO B 326 -8.30 -18.21 -0.48
N ARG B 327 -9.43 -17.84 -1.10
CA ARG B 327 -9.37 -17.19 -2.38
C ARG B 327 -8.74 -15.78 -2.22
N GLU B 328 -9.34 -14.96 -1.39
CA GLU B 328 -8.93 -13.60 -1.27
C GLU B 328 -7.51 -13.57 -0.68
N ALA B 329 -7.27 -14.40 0.33
CA ALA B 329 -5.95 -14.49 0.92
C ALA B 329 -4.91 -14.74 -0.17
N SER B 330 -5.25 -15.61 -1.13
CA SER B 330 -4.36 -15.94 -2.25
C SER B 330 -4.17 -14.78 -3.20
N GLU B 331 -5.27 -14.09 -3.56
CA GLU B 331 -5.15 -12.92 -4.43
C GLU B 331 -4.20 -11.86 -3.85
N PHE B 332 -4.35 -11.55 -2.56
CA PHE B 332 -3.58 -10.48 -1.94
C PHE B 332 -2.12 -10.87 -1.74
N PHE B 333 -1.88 -12.15 -1.48
CA PHE B 333 -0.52 -12.65 -1.34
C PHE B 333 0.19 -12.62 -2.70
N SER B 334 -0.48 -13.13 -3.72
CA SER B 334 0.08 -13.29 -5.02
C SER B 334 0.34 -11.94 -5.62
N HIS B 335 -0.57 -10.99 -5.37
CA HIS B 335 -0.36 -9.62 -5.81
C HIS B 335 0.87 -8.95 -5.15
N ASP B 336 1.09 -9.17 -3.87
CA ASP B 336 2.25 -8.56 -3.22
C ASP B 336 3.59 -9.20 -3.68
N LEU B 337 3.56 -10.48 -3.89
CA LEU B 337 4.72 -11.21 -4.34
C LEU B 337 5.04 -10.89 -5.81
N LEU B 338 4.02 -10.54 -6.58
CA LEU B 338 4.18 -10.30 -8.02
C LEU B 338 5.34 -9.41 -8.51
N PRO B 339 5.58 -8.22 -7.90
CA PRO B 339 6.74 -7.44 -8.39
C PRO B 339 8.05 -8.23 -8.23
N SER B 340 8.13 -9.07 -7.21
CA SER B 340 9.34 -9.80 -6.95
C SER B 340 9.44 -10.91 -7.97
N LEU B 341 8.34 -11.59 -8.24
CA LEU B 341 8.38 -12.62 -9.26
C LEU B 341 8.80 -12.06 -10.63
N GLU B 342 8.58 -10.76 -10.81
CA GLU B 342 8.91 -10.10 -12.06
C GLU B 342 10.42 -9.89 -12.18
N LEU B 343 11.14 -9.92 -11.08
CA LEU B 343 12.60 -9.84 -11.13
C LEU B 343 13.28 -11.20 -11.30
N LEU B 344 12.54 -12.28 -11.47
CA LEU B 344 13.18 -13.60 -11.57
C LEU B 344 14.17 -13.75 -12.74
N PRO B 345 13.88 -13.11 -13.87
CA PRO B 345 14.92 -13.13 -14.90
C PRO B 345 16.27 -12.64 -14.37
N GLN B 346 16.23 -11.78 -13.35
CA GLN B 346 17.39 -11.12 -12.75
C GLN B 346 17.76 -11.68 -11.38
N ARG B 347 17.26 -12.88 -11.04
CA ARG B 347 17.47 -13.46 -9.68
C ARG B 347 18.92 -13.64 -9.26
N LYS B 348 19.82 -13.74 -10.23
CA LYS B 348 21.21 -13.95 -9.93
C LYS B 348 21.84 -12.66 -9.39
N THR B 349 21.24 -11.48 -9.71
CA THR B 349 21.72 -10.18 -9.14
C THR B 349 20.72 -9.32 -8.36
N ALA B 350 19.41 -9.42 -8.67
CA ALA B 350 18.36 -8.75 -7.86
C ALA B 350 18.51 -9.10 -6.39
N PRO B 351 18.84 -8.11 -5.56
CA PRO B 351 19.05 -8.31 -4.10
C PRO B 351 17.98 -9.10 -3.35
N VAL B 352 16.73 -8.87 -3.68
CA VAL B 352 15.64 -9.60 -3.03
C VAL B 352 15.82 -11.12 -3.18
N TRP B 353 16.16 -11.59 -4.38
CA TRP B 353 16.48 -12.98 -4.62
C TRP B 353 17.87 -13.39 -4.11
N VAL B 354 18.86 -12.54 -4.32
CA VAL B 354 20.21 -12.83 -3.86
C VAL B 354 20.16 -12.98 -2.34
N ARG B 355 19.40 -12.18 -1.63
CA ARG B 355 19.33 -12.34 -0.16
C ARG B 355 18.80 -13.74 0.19
N ALA B 356 17.85 -14.24 -0.58
CA ALA B 356 17.24 -15.53 -0.27
C ALA B 356 18.21 -16.64 -0.63
N LYS B 357 18.78 -16.61 -1.84
CA LYS B 357 19.84 -17.58 -2.17
C LYS B 357 20.97 -17.61 -1.11
N LYS B 358 21.48 -16.42 -0.76
CA LYS B 358 22.42 -16.24 0.35
C LYS B 358 21.97 -16.89 1.67
N LEU B 359 20.72 -16.68 2.09
CA LEU B 359 20.20 -17.31 3.31
C LEU B 359 20.27 -18.85 3.24
N PHE B 360 19.82 -19.37 2.10
CA PHE B 360 19.87 -20.80 1.77
C PHE B 360 21.29 -21.39 1.87
N ASP B 361 22.25 -20.88 1.11
CA ASP B 361 23.67 -21.25 1.22
C ASP B 361 24.19 -21.17 2.66
N ARG B 362 23.62 -20.29 3.50
CA ARG B 362 24.04 -20.20 4.90
C ARG B 362 23.56 -21.41 5.71
N HIS B 363 22.27 -21.72 5.61
CA HIS B 363 21.68 -22.87 6.29
C HIS B 363 22.14 -24.22 5.74
N CYS B 364 22.58 -24.25 4.49
CA CYS B 364 23.09 -25.48 3.90
C CYS B 364 24.44 -25.80 4.48
N ALA B 365 25.31 -24.79 4.53
CA ALA B 365 26.64 -24.90 5.14
C ALA B 365 26.53 -25.47 6.54
N ARG B 366 25.42 -25.17 7.22
CA ARG B 366 25.15 -25.70 8.56
C ARG B 366 24.94 -27.23 8.68
N VAL B 367 24.85 -27.98 7.57
CA VAL B 367 24.68 -29.45 7.69
C VAL B 367 25.97 -30.27 7.39
#